data_6IYT
#
_entry.id   6IYT
#
_cell.length_a   120.818
_cell.length_b   78.474
_cell.length_c   106.714
_cell.angle_alpha   90.00
_cell.angle_beta   117.00
_cell.angle_gamma   90.00
#
_symmetry.space_group_name_H-M   'C 1 2 1'
#
loop_
_entity.id
_entity.type
_entity.pdbx_description
1 polymer 'Type I modular polyketide synthase'
2 water water
#
_entity_poly.entity_id   1
_entity_poly.type   'polypeptide(L)'
_entity_poly.pdbx_seq_one_letter_code
;MGSSHHHHHHSSGLVPRGSHMADPAAEATTEPRPALFSGDPLVPWIVSAKSAGGLEAQRARLGRHVSGRDSLGATDLGYS
LAATRAAFEHRAVVLGTTTEQLRTGLEAPDVAGVSSVSGKTVFVFPGQGSQWAGMAVELLDSSPVFAARFAEVASAVEAH
VDWSVESVVRGADGTPSLDRIEILQPVLFTVMVSLAAVWQSVGVVPDAVVGHSQGEIAAAAVSGALSLGDAAQVVVLRSQ
LFADELVGKGAVASVSLPAAEVEARIARFNGDAEVLSIAGNNGPRSVTVAGQVAALEELVAELEAEGVRAKVIGSTVASH
CAQVDPLHERILDLLSFVEPREGSVPLYSTVNGEVLSGAELDASYWFENCRRPVSFEPVVRALIADGFDVFVESSAHPVL
TYGISETSDDVGVEVLAQGTLRRQEGGPRRVLTSFAEAWTRGVALDWTAVFAGRGAKAVDLPTYAFQ
;
_entity_poly.pdbx_strand_id   A,B
#
# COMPACT_ATOMS: atom_id res chain seq x y z
N ARG A 33 18.47 -19.98 -3.25
CA ARG A 33 19.46 -19.56 -4.25
C ARG A 33 19.36 -20.34 -5.57
N PRO A 34 18.53 -21.43 -5.61
CA PRO A 34 18.08 -21.75 -6.97
C PRO A 34 17.26 -20.59 -7.51
N ALA A 35 17.42 -20.32 -8.78
CA ALA A 35 16.66 -19.25 -9.43
C ALA A 35 15.25 -19.76 -9.64
N LEU A 36 14.29 -18.83 -9.74
CA LEU A 36 12.95 -19.17 -10.15
C LEU A 36 12.92 -19.77 -11.55
N PHE A 37 13.62 -19.13 -12.51
CA PHE A 37 13.70 -19.64 -13.88
C PHE A 37 15.16 -19.76 -14.35
N SER A 38 15.41 -20.77 -15.18
CA SER A 38 16.69 -20.90 -15.86
C SER A 38 16.55 -20.57 -17.35
N GLY A 39 17.69 -20.45 -18.03
CA GLY A 39 17.70 -20.19 -19.48
C GLY A 39 17.13 -18.82 -19.86
N ASP A 40 16.25 -18.83 -20.86
CA ASP A 40 15.79 -17.59 -21.51
C ASP A 40 14.28 -17.58 -21.65
N PRO A 41 13.58 -17.63 -20.53
CA PRO A 41 12.14 -17.58 -20.52
C PRO A 41 11.62 -16.20 -20.96
N LEU A 42 10.34 -16.10 -21.17
CA LEU A 42 9.74 -14.83 -21.36
C LEU A 42 9.82 -13.99 -20.09
N VAL A 43 9.61 -12.69 -20.27
CA VAL A 43 9.89 -11.65 -19.28
C VAL A 43 8.53 -10.99 -18.97
N PRO A 44 8.32 -10.54 -17.70
CA PRO A 44 7.22 -9.62 -17.40
C PRO A 44 7.66 -8.17 -17.37
N TRP A 45 6.84 -7.29 -17.96
CA TRP A 45 6.96 -5.87 -17.78
C TRP A 45 5.76 -5.41 -16.94
N ILE A 46 6.00 -4.99 -15.70
CA ILE A 46 4.91 -4.61 -14.82
C ILE A 46 4.75 -3.09 -14.84
N VAL A 47 3.52 -2.65 -14.91
CA VAL A 47 3.19 -1.20 -14.99
C VAL A 47 2.08 -0.88 -14.01
N SER A 48 2.11 0.31 -13.39
CA SER A 48 1.05 0.70 -12.50
C SER A 48 0.90 2.20 -12.44
N ALA A 49 -0.30 2.62 -12.09
CA ALA A 49 -0.65 4.07 -12.04
C ALA A 49 -1.86 4.24 -11.14
N LYS A 50 -2.31 5.48 -10.96
CA LYS A 50 -3.32 5.78 -9.94
C LYS A 50 -4.74 5.80 -10.48
N SER A 51 -4.88 5.69 -11.78
CA SER A 51 -6.21 5.62 -12.41
C SER A 51 -6.14 4.82 -13.70
N ALA A 52 -7.31 4.48 -14.25
CA ALA A 52 -7.37 3.79 -15.54
C ALA A 52 -6.66 4.55 -16.63
N GLY A 53 -6.94 5.87 -16.72
CA GLY A 53 -6.28 6.70 -17.72
C GLY A 53 -4.80 6.86 -17.45
N GLY A 54 -4.42 6.93 -16.19
CA GLY A 54 -3.03 7.06 -15.84
C GLY A 54 -2.25 5.82 -16.25
N LEU A 55 -2.91 4.67 -16.20
CA LEU A 55 -2.26 3.42 -16.56
C LEU A 55 -2.15 3.31 -18.09
N GLU A 56 -3.19 3.78 -18.80
CA GLU A 56 -3.09 3.96 -20.23
C GLU A 56 -1.94 4.92 -20.60
N ALA A 57 -1.80 6.04 -19.87
CA ALA A 57 -0.73 7.00 -20.11
C ALA A 57 0.66 6.38 -19.87
N GLN A 58 0.78 5.59 -18.80
CA GLN A 58 2.07 4.97 -18.52
C GLN A 58 2.45 3.98 -19.60
N ARG A 59 1.47 3.18 -20.04
CA ARG A 59 1.70 2.23 -21.14
C ARG A 59 2.12 2.95 -22.41
N ALA A 60 1.48 4.08 -22.70
CA ALA A 60 1.81 4.87 -23.88
C ALA A 60 3.18 5.52 -23.79
N ARG A 61 3.54 6.00 -22.60
CA ARG A 61 4.85 6.66 -22.41
C ARG A 61 6.01 5.63 -22.50
N LEU A 62 5.79 4.45 -21.92
CA LEU A 62 6.75 3.33 -22.08
C LEU A 62 6.92 2.92 -23.57
N GLY A 63 5.82 2.78 -24.29
CA GLY A 63 5.84 2.44 -25.70
C GLY A 63 6.69 3.42 -26.50
N ARG A 64 6.52 4.70 -26.22
CA ARG A 64 7.29 5.71 -26.90
C ARG A 64 8.73 5.64 -26.53
N HIS A 65 9.00 5.49 -25.24
CA HIS A 65 10.33 5.34 -24.75
C HIS A 65 11.07 4.24 -25.51
N VAL A 66 10.45 3.06 -25.57
CA VAL A 66 11.10 1.90 -26.18
C VAL A 66 11.27 2.09 -27.69
N SER A 67 10.25 2.63 -28.34
CA SER A 67 10.29 2.82 -29.80
C SER A 67 11.50 3.69 -30.17
N GLY A 68 11.87 4.60 -29.28
CA GLY A 68 12.84 5.65 -29.59
C GLY A 68 14.26 5.35 -29.16
N ARG A 69 14.49 4.19 -28.55
CA ARG A 69 15.86 3.76 -28.25
C ARG A 69 16.22 2.50 -29.04
N LEU A 72 17.57 -1.11 -26.31
CA LEU A 72 17.18 -1.42 -24.93
C LEU A 72 16.78 -2.87 -24.79
N GLY A 73 17.30 -3.51 -23.75
CA GLY A 73 17.13 -4.92 -23.55
C GLY A 73 15.82 -5.22 -22.87
N ALA A 74 15.14 -6.24 -23.33
CA ALA A 74 13.87 -6.63 -22.78
C ALA A 74 13.99 -6.95 -21.31
N THR A 75 14.99 -7.74 -20.95
CA THR A 75 15.05 -8.17 -19.59
C THR A 75 15.56 -7.06 -18.66
N ASP A 76 16.42 -6.16 -19.17
CA ASP A 76 16.82 -4.98 -18.38
C ASP A 76 15.58 -4.09 -18.06
N LEU A 77 14.76 -3.86 -19.05
CA LEU A 77 13.52 -3.02 -18.83
C LEU A 77 12.59 -3.67 -17.82
N GLY A 78 12.41 -4.98 -17.93
CA GLY A 78 11.55 -5.69 -16.98
C GLY A 78 12.09 -5.59 -15.57
N TYR A 79 13.40 -5.83 -15.42
CA TYR A 79 14.04 -5.70 -14.14
C TYR A 79 13.87 -4.29 -13.58
N SER A 80 14.00 -3.30 -14.43
CA SER A 80 13.95 -1.91 -13.97
C SER A 80 12.52 -1.50 -13.54
N LEU A 81 11.54 -1.93 -14.30
CA LEU A 81 10.14 -1.71 -13.95
C LEU A 81 9.83 -2.35 -12.59
N ALA A 82 10.42 -3.52 -12.33
CA ALA A 82 10.15 -4.23 -11.08
C ALA A 82 10.89 -3.58 -9.90
N ALA A 83 12.07 -3.04 -10.13
CA ALA A 83 12.91 -2.61 -9.05
C ALA A 83 12.67 -1.15 -8.69
N THR A 84 12.29 -0.33 -9.68
CA THR A 84 12.48 1.14 -9.57
C THR A 84 11.16 1.89 -9.57
N ARG A 85 10.06 1.19 -9.79
CA ARG A 85 8.77 1.82 -9.79
C ARG A 85 8.02 1.46 -8.52
N ALA A 86 7.35 2.44 -7.92
CA ALA A 86 6.25 2.17 -6.99
C ALA A 86 5.13 1.36 -7.65
N ALA A 87 4.53 0.46 -6.88
CA ALA A 87 3.28 -0.18 -7.28
C ALA A 87 2.06 0.64 -6.81
N PHE A 88 1.47 1.37 -7.75
CA PHE A 88 0.21 2.05 -7.51
C PHE A 88 -1.00 1.11 -7.79
N GLU A 89 -2.20 1.66 -7.63
CA GLU A 89 -3.43 0.86 -7.52
C GLU A 89 -3.85 0.13 -8.82
N HIS A 90 -3.75 0.81 -9.95
CA HIS A 90 -4.18 0.24 -11.24
C HIS A 90 -2.96 -0.39 -11.91
N ARG A 91 -3.08 -1.66 -12.29
CA ARG A 91 -1.90 -2.46 -12.58
C ARG A 91 -2.08 -3.27 -13.83
N ALA A 92 -0.98 -3.45 -14.57
CA ALA A 92 -0.97 -4.35 -15.70
C ALA A 92 0.35 -5.06 -15.79
N VAL A 93 0.33 -6.22 -16.45
CA VAL A 93 1.53 -6.94 -16.76
C VAL A 93 1.52 -7.38 -18.21
N VAL A 94 2.61 -7.09 -18.91
CA VAL A 94 2.84 -7.59 -20.24
C VAL A 94 3.89 -8.70 -20.19
N LEU A 95 3.71 -9.72 -21.04
CA LEU A 95 4.66 -10.84 -21.14
C LEU A 95 5.19 -10.98 -22.55
N GLY A 96 6.47 -11.29 -22.66
CA GLY A 96 7.09 -11.55 -23.96
C GLY A 96 8.58 -11.72 -23.84
N THR A 97 9.24 -11.92 -24.97
CA THR A 97 10.67 -12.17 -24.95
C THR A 97 11.47 -11.01 -25.55
N THR A 98 11.02 -10.53 -26.70
CA THR A 98 11.70 -9.44 -27.34
C THR A 98 11.07 -8.16 -26.92
N THR A 99 11.83 -7.08 -26.98
CA THR A 99 11.27 -5.78 -26.64
C THR A 99 10.26 -5.28 -27.68
N GLU A 100 10.31 -5.82 -28.90
CA GLU A 100 9.22 -5.62 -29.86
C GLU A 100 7.93 -6.25 -29.39
N GLN A 101 8.01 -7.50 -28.93
CA GLN A 101 6.83 -8.21 -28.44
C GLN A 101 6.25 -7.48 -27.23
N LEU A 102 7.13 -7.04 -26.35
CA LEU A 102 6.71 -6.41 -25.13
C LEU A 102 6.17 -4.97 -25.40
N ARG A 103 6.76 -4.29 -26.38
CA ARG A 103 6.27 -2.95 -26.77
C ARG A 103 4.90 -3.04 -27.45
N THR A 104 4.73 -4.03 -28.31
CA THR A 104 3.43 -4.34 -28.93
C THR A 104 2.36 -4.69 -27.87
N GLY A 105 2.78 -5.42 -26.85
CA GLY A 105 1.85 -5.92 -25.85
C GLY A 105 1.34 -4.86 -24.90
N LEU A 106 2.03 -3.72 -24.85
CA LEU A 106 1.57 -2.60 -24.03
C LEU A 106 0.26 -2.08 -24.56
N GLU A 107 -0.04 -2.40 -25.82
CA GLU A 107 -1.31 -2.01 -26.38
C GLU A 107 -2.44 -2.89 -25.87
N ALA A 108 -2.11 -4.06 -25.35
CA ALA A 108 -3.14 -5.00 -24.85
C ALA A 108 -2.58 -5.95 -23.83
N PRO A 109 -2.35 -5.47 -22.62
CA PRO A 109 -1.56 -6.27 -21.70
C PRO A 109 -2.19 -7.63 -21.42
N ASP A 110 -1.37 -8.58 -21.07
CA ASP A 110 -1.85 -9.93 -20.77
C ASP A 110 -2.79 -10.00 -19.55
N VAL A 111 -2.48 -9.23 -18.52
CA VAL A 111 -3.25 -9.23 -17.28
C VAL A 111 -3.34 -7.80 -16.81
N ALA A 112 -4.53 -7.40 -16.39
CA ALA A 112 -4.74 -6.08 -15.82
C ALA A 112 -5.73 -6.17 -14.71
N GLY A 113 -5.57 -5.31 -13.73
CA GLY A 113 -6.48 -5.31 -12.60
C GLY A 113 -6.30 -4.13 -11.68
N VAL A 114 -7.10 -4.09 -10.63
CA VAL A 114 -7.03 -3.00 -9.67
C VAL A 114 -6.82 -3.60 -8.29
N SER A 115 -5.85 -3.05 -7.56
CA SER A 115 -5.49 -3.57 -6.25
C SER A 115 -6.68 -3.48 -5.29
N SER A 116 -7.02 -4.61 -4.66
CA SER A 116 -8.24 -4.70 -3.84
C SER A 116 -8.07 -5.51 -2.56
N VAL A 117 -7.21 -6.55 -2.56
CA VAL A 117 -7.04 -7.39 -1.34
C VAL A 117 -6.27 -6.68 -0.23
N SER A 118 -6.57 -7.01 1.01
CA SER A 118 -5.89 -6.36 2.15
C SER A 118 -5.73 -7.27 3.37
N GLY A 119 -6.03 -8.55 3.19
CA GLY A 119 -6.13 -9.48 4.33
C GLY A 119 -5.05 -10.54 4.30
N LYS A 120 -5.31 -11.64 5.01
CA LYS A 120 -4.37 -12.72 5.14
C LYS A 120 -4.46 -13.70 3.95
N THR A 121 -3.43 -14.53 3.84
CA THR A 121 -3.24 -15.45 2.71
C THR A 121 -3.32 -16.86 3.23
N VAL A 122 -4.18 -17.68 2.62
CA VAL A 122 -4.22 -19.08 2.89
C VAL A 122 -3.89 -19.89 1.66
N PHE A 123 -3.03 -20.92 1.83
CA PHE A 123 -2.78 -21.84 0.74
C PHE A 123 -3.72 -23.02 0.79
N VAL A 124 -4.23 -23.35 -0.39
CA VAL A 124 -5.29 -24.34 -0.59
C VAL A 124 -4.70 -25.52 -1.37
N PHE A 125 -4.91 -26.72 -0.85
CA PHE A 125 -4.35 -27.94 -1.42
C PHE A 125 -5.47 -28.92 -1.70
N PRO A 126 -5.90 -28.99 -2.97
CA PRO A 126 -7.04 -29.86 -3.30
C PRO A 126 -6.70 -31.36 -3.31
N GLY A 127 -7.70 -32.17 -3.53
CA GLY A 127 -7.48 -33.61 -3.72
C GLY A 127 -7.41 -33.96 -5.19
N GLN A 128 -7.98 -35.08 -5.57
CA GLN A 128 -7.90 -35.51 -6.95
C GLN A 128 -8.79 -34.66 -7.82
N GLY A 129 -8.43 -34.53 -9.08
CA GLY A 129 -9.16 -33.69 -10.02
C GLY A 129 -8.24 -32.66 -10.65
N SER A 130 -7.09 -32.46 -10.00
CA SER A 130 -6.05 -31.47 -10.42
C SER A 130 -5.24 -31.94 -11.65
N GLN A 131 -5.20 -33.25 -11.85
CA GLN A 131 -4.14 -33.85 -12.62
C GLN A 131 -4.36 -33.58 -14.11
N TRP A 132 -3.27 -33.48 -14.88
CA TRP A 132 -3.34 -33.56 -16.32
C TRP A 132 -2.10 -34.19 -16.92
N ALA A 133 -2.30 -34.87 -18.05
CA ALA A 133 -1.25 -35.64 -18.66
C ALA A 133 -0.15 -34.70 -19.11
N GLY A 134 1.06 -34.93 -18.60
CA GLY A 134 2.22 -34.09 -18.91
C GLY A 134 2.45 -32.96 -17.91
N MET A 135 1.60 -32.86 -16.88
CA MET A 135 1.79 -31.85 -15.82
C MET A 135 3.20 -31.92 -15.20
N ALA A 136 3.74 -30.76 -14.86
CA ALA A 136 5.00 -30.60 -14.08
C ALA A 136 6.28 -30.71 -14.91
N VAL A 137 6.21 -31.38 -16.05
CA VAL A 137 7.40 -31.62 -16.87
C VAL A 137 8.05 -30.29 -17.28
N GLU A 138 7.26 -29.38 -17.80
CA GLU A 138 7.82 -28.17 -18.35
C GLU A 138 8.33 -27.28 -17.24
N LEU A 139 7.73 -27.40 -16.06
CA LEU A 139 8.19 -26.62 -14.92
C LEU A 139 9.48 -27.20 -14.28
N LEU A 140 9.61 -28.52 -14.29
CA LEU A 140 10.85 -29.13 -13.92
C LEU A 140 11.97 -28.61 -14.80
N ASP A 141 11.70 -28.46 -16.10
CA ASP A 141 12.74 -28.11 -17.06
C ASP A 141 13.12 -26.67 -17.00
N SER A 142 12.21 -25.83 -16.49
CA SER A 142 12.32 -24.38 -16.67
C SER A 142 12.46 -23.61 -15.35
N SER A 143 12.26 -24.29 -14.21
CA SER A 143 12.33 -23.64 -12.88
C SER A 143 13.20 -24.44 -11.90
N PRO A 144 14.39 -23.91 -11.60
CA PRO A 144 15.25 -24.59 -10.66
C PRO A 144 14.68 -24.61 -9.24
N VAL A 145 13.90 -23.59 -8.87
CA VAL A 145 13.23 -23.55 -7.55
C VAL A 145 12.23 -24.73 -7.43
N PHE A 146 11.42 -24.91 -8.48
CA PHE A 146 10.46 -26.01 -8.51
C PHE A 146 11.17 -27.35 -8.52
N ALA A 147 12.18 -27.49 -9.35
CA ALA A 147 12.86 -28.78 -9.49
C ALA A 147 13.56 -29.17 -8.18
N ALA A 148 14.18 -28.21 -7.51
CA ALA A 148 14.86 -28.48 -6.24
C ALA A 148 13.91 -28.99 -5.18
N ARG A 149 12.77 -28.32 -5.04
CA ARG A 149 11.81 -28.72 -4.07
C ARG A 149 11.20 -30.03 -4.44
N PHE A 150 10.96 -30.22 -5.73
CA PHE A 150 10.40 -31.48 -6.24
C PHE A 150 11.35 -32.66 -5.93
N ALA A 151 12.66 -32.41 -6.03
CA ALA A 151 13.66 -33.44 -5.70
C ALA A 151 13.61 -33.81 -4.23
N GLU A 152 13.50 -32.81 -3.35
CA GLU A 152 13.42 -33.06 -1.90
C GLU A 152 12.21 -33.91 -1.58
N VAL A 153 11.06 -33.51 -2.11
CA VAL A 153 9.82 -34.17 -1.76
C VAL A 153 9.73 -35.59 -2.39
N ALA A 154 10.21 -35.72 -3.61
CA ALA A 154 10.30 -37.01 -4.29
C ALA A 154 11.15 -38.00 -3.52
N SER A 155 12.22 -37.51 -2.91
CA SER A 155 13.10 -38.38 -2.13
C SER A 155 12.37 -38.95 -0.97
N ALA A 156 11.52 -38.13 -0.35
CA ALA A 156 10.71 -38.58 0.74
C ALA A 156 9.72 -39.64 0.31
N VAL A 157 9.09 -39.47 -0.85
CA VAL A 157 8.16 -40.50 -1.25
C VAL A 157 8.85 -41.77 -1.78
N GLU A 158 10.07 -41.61 -2.26
CA GLU A 158 10.80 -42.74 -2.84
C GLU A 158 11.43 -43.63 -1.78
N ALA A 159 11.41 -43.18 -0.53
CA ALA A 159 11.77 -44.06 0.59
C ALA A 159 10.76 -45.20 0.74
N HIS A 160 9.60 -45.06 0.09
CA HIS A 160 8.45 -45.96 0.35
C HIS A 160 7.86 -46.58 -0.91
N VAL A 161 8.43 -46.27 -2.05
CA VAL A 161 8.04 -46.89 -3.26
C VAL A 161 9.26 -47.23 -4.10
N ASP A 162 9.07 -48.10 -5.08
CA ASP A 162 10.18 -48.63 -5.84
C ASP A 162 10.33 -47.96 -7.23
N TRP A 163 9.50 -46.96 -7.50
CA TRP A 163 9.59 -46.20 -8.76
C TRP A 163 10.13 -44.81 -8.49
N SER A 164 10.44 -44.08 -9.56
CA SER A 164 10.97 -42.71 -9.46
C SER A 164 9.85 -41.72 -9.80
N VAL A 165 9.57 -40.79 -8.88
CA VAL A 165 8.52 -39.80 -9.10
C VAL A 165 8.77 -38.94 -10.34
N GLU A 166 10.00 -38.46 -10.51
CA GLU A 166 10.33 -37.72 -11.73
C GLU A 166 10.13 -38.54 -13.00
N SER A 167 10.55 -39.81 -12.98
CA SER A 167 10.40 -40.65 -14.19
C SER A 167 8.92 -40.83 -14.54
N VAL A 168 8.10 -41.05 -13.52
CA VAL A 168 6.69 -41.23 -13.73
C VAL A 168 6.06 -39.95 -14.29
N VAL A 169 6.45 -38.82 -13.70
CA VAL A 169 6.00 -37.54 -14.17
C VAL A 169 6.40 -37.27 -15.62
N ARG A 170 7.60 -37.71 -15.99
CA ARG A 170 8.09 -37.53 -17.37
C ARG A 170 7.60 -38.64 -18.34
N GLY A 171 6.88 -39.62 -17.80
CA GLY A 171 6.37 -40.74 -18.61
C GLY A 171 7.47 -41.56 -19.23
N ALA A 172 8.55 -41.75 -18.50
CA ALA A 172 9.66 -42.52 -18.99
C ALA A 172 9.19 -43.95 -19.31
N ASP A 173 9.81 -44.55 -20.31
CA ASP A 173 9.48 -45.92 -20.67
C ASP A 173 9.47 -46.84 -19.46
N GLY A 174 8.44 -47.66 -19.37
CA GLY A 174 8.44 -48.73 -18.36
C GLY A 174 7.87 -48.30 -17.01
N THR A 175 7.57 -47.01 -16.85
CA THR A 175 7.09 -46.49 -15.56
C THR A 175 5.60 -46.81 -15.35
N PRO A 176 5.19 -46.85 -14.10
CA PRO A 176 3.76 -47.15 -13.87
C PRO A 176 2.84 -45.99 -14.26
N SER A 177 1.58 -46.29 -14.59
CA SER A 177 0.63 -45.31 -15.10
C SER A 177 0.19 -44.35 -14.02
N LEU A 178 0.17 -43.07 -14.36
CA LEU A 178 -0.34 -42.05 -13.48
C LEU A 178 -1.84 -42.11 -13.27
N ASP A 179 -2.54 -42.95 -14.02
CA ASP A 179 -3.96 -43.15 -13.79
C ASP A 179 -4.25 -44.15 -12.68
N ARG A 180 -3.23 -44.81 -12.16
CA ARG A 180 -3.37 -45.64 -10.97
C ARG A 180 -3.37 -44.79 -9.71
N ILE A 181 -4.31 -45.05 -8.80
CA ILE A 181 -4.47 -44.20 -7.63
C ILE A 181 -3.22 -44.18 -6.71
N GLU A 182 -2.50 -45.32 -6.65
CA GLU A 182 -1.37 -45.45 -5.74
C GLU A 182 -0.12 -44.79 -6.33
N ILE A 183 -0.21 -44.41 -7.60
CA ILE A 183 0.85 -43.64 -8.30
C ILE A 183 0.51 -42.17 -8.30
N LEU A 184 -0.75 -41.88 -8.62
CA LEU A 184 -1.25 -40.51 -8.72
C LEU A 184 -1.16 -39.73 -7.42
N GLN A 185 -1.66 -40.30 -6.32
CA GLN A 185 -1.73 -39.51 -5.08
C GLN A 185 -0.32 -39.06 -4.63
N PRO A 186 0.67 -39.95 -4.66
CA PRO A 186 1.98 -39.44 -4.22
C PRO A 186 2.60 -38.47 -5.20
N VAL A 187 2.27 -38.60 -6.49
CA VAL A 187 2.75 -37.63 -7.49
C VAL A 187 2.07 -36.25 -7.29
N LEU A 188 0.74 -36.26 -7.07
CA LEU A 188 0.01 -35.03 -6.74
C LEU A 188 0.55 -34.34 -5.50
N PHE A 189 0.80 -35.12 -4.45
CA PHE A 189 1.43 -34.63 -3.25
C PHE A 189 2.75 -33.90 -3.56
N THR A 190 3.59 -34.51 -4.40
CA THR A 190 4.89 -33.95 -4.69
C THR A 190 4.72 -32.67 -5.47
N VAL A 191 3.80 -32.67 -6.40
CA VAL A 191 3.59 -31.51 -7.23
C VAL A 191 3.01 -30.32 -6.40
N MET A 192 2.05 -30.63 -5.52
CA MET A 192 1.36 -29.54 -4.73
C MET A 192 2.31 -28.90 -3.71
N VAL A 193 3.10 -29.72 -3.07
CA VAL A 193 4.05 -29.20 -2.13
C VAL A 193 5.09 -28.37 -2.87
N SER A 194 5.55 -28.83 -4.03
CA SER A 194 6.61 -28.14 -4.74
C SER A 194 6.15 -26.84 -5.37
N LEU A 195 4.87 -26.79 -5.76
CA LEU A 195 4.31 -25.56 -6.29
C LEU A 195 4.22 -24.46 -5.25
N ALA A 196 4.10 -24.85 -3.98
CA ALA A 196 4.09 -23.83 -2.91
C ALA A 196 5.47 -23.10 -2.83
N ALA A 197 6.55 -23.79 -3.20
CA ALA A 197 7.86 -23.19 -3.20
C ALA A 197 8.05 -22.16 -4.31
N VAL A 198 7.30 -22.29 -5.42
CA VAL A 198 7.36 -21.32 -6.50
C VAL A 198 6.79 -19.99 -5.99
N TRP A 199 5.65 -20.05 -5.33
CA TRP A 199 5.08 -18.82 -4.71
C TRP A 199 6.02 -18.26 -3.65
N GLN A 200 6.56 -19.12 -2.82
CA GLN A 200 7.46 -18.72 -1.78
C GLN A 200 8.64 -17.89 -2.32
N SER A 201 9.08 -18.19 -3.54
CA SER A 201 10.24 -17.54 -4.14
C SER A 201 10.00 -16.07 -4.52
N VAL A 202 8.72 -15.68 -4.60
CA VAL A 202 8.38 -14.26 -4.80
C VAL A 202 7.69 -13.68 -3.58
N GLY A 203 7.89 -14.36 -2.46
CA GLY A 203 7.47 -13.86 -1.14
C GLY A 203 5.99 -14.04 -0.84
N VAL A 204 5.34 -14.94 -1.56
CA VAL A 204 3.92 -15.22 -1.29
C VAL A 204 3.83 -16.50 -0.50
N VAL A 205 3.51 -16.34 0.78
CA VAL A 205 3.57 -17.46 1.73
C VAL A 205 2.28 -17.56 2.52
N PRO A 206 1.96 -18.76 3.00
CA PRO A 206 0.70 -18.95 3.74
C PRO A 206 0.78 -18.45 5.16
N ASP A 207 -0.28 -17.76 5.60
CA ASP A 207 -0.53 -17.48 7.02
C ASP A 207 -1.30 -18.64 7.64
N ALA A 208 -1.89 -19.45 6.80
CA ALA A 208 -2.59 -20.66 7.20
C ALA A 208 -2.64 -21.60 6.00
N VAL A 209 -3.02 -22.85 6.23
CA VAL A 209 -3.21 -23.80 5.13
C VAL A 209 -4.52 -24.54 5.29
N VAL A 210 -5.11 -24.92 4.14
CA VAL A 210 -6.34 -25.73 4.12
C VAL A 210 -6.21 -26.75 3.02
N GLY A 211 -6.55 -27.98 3.34
CA GLY A 211 -6.51 -29.06 2.37
C GLY A 211 -7.88 -29.71 2.18
N HIS A 212 -8.01 -30.43 1.09
CA HIS A 212 -9.26 -31.13 0.74
C HIS A 212 -8.93 -32.62 0.57
N SER A 213 -9.50 -33.47 1.44
CA SER A 213 -9.23 -34.91 1.36
C SER A 213 -7.71 -35.17 1.48
N GLN A 214 -7.12 -35.89 0.50
CA GLN A 214 -5.68 -36.17 0.48
C GLN A 214 -4.84 -34.90 0.47
N GLY A 215 -5.44 -33.79 0.01
CA GLY A 215 -4.75 -32.50 0.02
C GLY A 215 -4.28 -32.07 1.40
N GLU A 216 -4.98 -32.51 2.43
CA GLU A 216 -4.57 -32.16 3.78
C GLU A 216 -3.18 -32.70 4.10
N ILE A 217 -2.79 -33.80 3.44
CA ILE A 217 -1.43 -34.35 3.67
C ILE A 217 -0.35 -33.39 3.12
N ALA A 218 -0.61 -32.84 1.93
CA ALA A 218 0.26 -31.77 1.39
C ALA A 218 0.24 -30.50 2.25
N ALA A 219 -0.94 -30.13 2.73
CA ALA A 219 -1.07 -28.96 3.61
C ALA A 219 -0.23 -29.13 4.89
N ALA A 220 -0.30 -30.32 5.49
CA ALA A 220 0.48 -30.62 6.69
C ALA A 220 1.98 -30.60 6.43
N ALA A 221 2.40 -31.06 5.25
CA ALA A 221 3.79 -31.02 4.88
C ALA A 221 4.26 -29.56 4.74
N VAL A 222 3.42 -28.74 4.14
CA VAL A 222 3.78 -27.33 3.96
C VAL A 222 3.80 -26.55 5.29
N SER A 223 2.84 -26.82 6.16
CA SER A 223 2.79 -26.14 7.44
C SER A 223 3.87 -26.66 8.41
N GLY A 224 4.44 -27.82 8.12
CA GLY A 224 5.38 -28.46 9.05
C GLY A 224 4.71 -29.28 10.16
N ALA A 225 3.41 -29.53 10.03
CA ALA A 225 2.70 -30.31 11.02
C ALA A 225 3.16 -31.78 10.93
N LEU A 226 3.49 -32.24 9.72
CA LEU A 226 4.15 -33.52 9.56
C LEU A 226 5.51 -33.28 8.95
N SER A 227 6.46 -34.14 9.28
CA SER A 227 7.71 -34.14 8.55
C SER A 227 7.42 -34.52 7.09
N LEU A 228 8.30 -34.12 6.18
CA LEU A 228 8.19 -34.58 4.81
C LEU A 228 8.12 -36.08 4.69
N GLY A 229 8.98 -36.78 5.43
CA GLY A 229 8.95 -38.24 5.46
C GLY A 229 7.61 -38.82 5.87
N ASP A 230 7.07 -38.34 6.99
CA ASP A 230 5.80 -38.86 7.52
C ASP A 230 4.67 -38.56 6.53
N ALA A 231 4.60 -37.33 6.02
CA ALA A 231 3.54 -36.98 5.04
C ALA A 231 3.63 -37.87 3.79
N ALA A 232 4.83 -38.02 3.29
CA ALA A 232 5.04 -38.88 2.14
C ALA A 232 4.60 -40.31 2.39
N GLN A 233 4.95 -40.85 3.54
CA GLN A 233 4.59 -42.19 3.88
C GLN A 233 3.07 -42.36 4.07
N VAL A 234 2.39 -41.34 4.61
CA VAL A 234 0.95 -41.38 4.72
C VAL A 234 0.30 -41.47 3.35
N VAL A 235 0.70 -40.62 2.43
CA VAL A 235 0.04 -40.60 1.13
C VAL A 235 0.33 -41.88 0.32
N VAL A 236 1.53 -42.43 0.46
CA VAL A 236 1.88 -43.66 -0.22
C VAL A 236 1.08 -44.82 0.34
N LEU A 237 1.06 -44.99 1.64
CA LEU A 237 0.44 -46.17 2.21
C LEU A 237 -1.07 -46.14 2.10
N ARG A 238 -1.67 -44.98 2.37
CA ARG A 238 -3.09 -44.88 2.25
C ARG A 238 -3.58 -45.11 0.82
N SER A 239 -2.89 -44.51 -0.17
CA SER A 239 -3.30 -44.70 -1.56
C SER A 239 -3.10 -46.15 -2.03
N GLN A 240 -2.03 -46.79 -1.55
CA GLN A 240 -1.84 -48.23 -1.83
C GLN A 240 -2.95 -49.08 -1.22
N LEU A 241 -3.39 -48.73 -0.01
CA LEU A 241 -4.51 -49.52 0.62
C LEU A 241 -5.76 -49.37 -0.22
N PHE A 242 -6.01 -48.16 -0.68
CA PHE A 242 -7.18 -47.90 -1.52
C PHE A 242 -7.08 -48.64 -2.86
N ALA A 243 -5.89 -48.67 -3.45
CA ALA A 243 -5.64 -49.46 -4.69
C ALA A 243 -5.98 -50.94 -4.45
N ASP A 244 -5.55 -51.43 -3.31
CA ASP A 244 -5.79 -52.81 -2.94
C ASP A 244 -7.24 -53.22 -2.65
N GLU A 245 -7.99 -52.34 -1.98
CA GLU A 245 -9.36 -52.68 -1.55
C GLU A 245 -10.60 -51.93 -2.07
N LEU A 246 -10.43 -50.74 -2.65
CA LEU A 246 -11.56 -49.98 -3.10
C LEU A 246 -11.67 -49.75 -4.62
N VAL A 247 -10.61 -49.99 -5.37
CA VAL A 247 -10.66 -49.70 -6.80
C VAL A 247 -11.68 -50.62 -7.48
N GLY A 248 -12.58 -50.03 -8.25
CA GLY A 248 -13.67 -50.78 -8.88
C GLY A 248 -14.97 -50.78 -8.08
N LYS A 249 -14.87 -50.54 -6.79
CA LYS A 249 -16.06 -50.64 -5.92
C LYS A 249 -16.79 -49.32 -5.78
N GLY A 250 -16.18 -48.24 -6.28
CA GLY A 250 -16.72 -46.92 -6.09
C GLY A 250 -15.85 -45.85 -6.69
N ALA A 251 -16.39 -44.63 -6.76
CA ALA A 251 -15.65 -43.49 -7.16
C ALA A 251 -16.32 -42.23 -6.58
N VAL A 252 -15.82 -41.07 -6.93
CA VAL A 252 -16.42 -39.80 -6.54
C VAL A 252 -16.67 -38.93 -7.77
N ALA A 253 -17.79 -38.25 -7.74
CA ALA A 253 -18.19 -37.34 -8.81
C ALA A 253 -18.39 -35.94 -8.27
N SER A 254 -18.02 -34.95 -9.06
CA SER A 254 -18.41 -33.59 -8.81
C SER A 254 -19.81 -33.34 -9.39
N VAL A 255 -20.58 -32.52 -8.71
CA VAL A 255 -21.94 -32.15 -9.15
C VAL A 255 -22.18 -30.71 -8.86
N SER A 256 -22.49 -29.91 -9.87
CA SER A 256 -22.78 -28.49 -9.63
C SER A 256 -24.25 -28.22 -9.26
N LEU A 257 -24.68 -28.74 -8.11
CA LEU A 257 -25.96 -28.43 -7.51
C LEU A 257 -25.74 -28.30 -6.01
N PRO A 258 -26.66 -27.61 -5.33
CA PRO A 258 -26.68 -27.51 -3.86
C PRO A 258 -26.85 -28.87 -3.23
N ALA A 259 -26.27 -29.05 -2.04
CA ALA A 259 -26.36 -30.32 -1.32
C ALA A 259 -27.80 -30.82 -1.25
N ALA A 260 -28.74 -29.96 -0.87
CA ALA A 260 -30.11 -30.41 -0.65
C ALA A 260 -30.71 -31.02 -1.92
N GLU A 261 -30.47 -30.40 -3.06
CA GLU A 261 -30.97 -30.91 -4.31
C GLU A 261 -30.35 -32.28 -4.63
N VAL A 262 -29.06 -32.43 -4.37
CA VAL A 262 -28.40 -33.70 -4.63
C VAL A 262 -28.93 -34.82 -3.68
N GLU A 263 -29.11 -34.52 -2.39
CA GLU A 263 -29.76 -35.45 -1.44
C GLU A 263 -31.09 -35.97 -1.99
N ALA A 264 -31.89 -35.07 -2.56
CA ALA A 264 -33.20 -35.46 -3.12
C ALA A 264 -33.02 -36.45 -4.25
N ARG A 265 -31.97 -36.27 -5.03
CA ARG A 265 -31.77 -37.08 -6.19
C ARG A 265 -31.11 -38.43 -5.89
N ILE A 266 -30.39 -38.53 -4.78
CA ILE A 266 -29.73 -39.83 -4.48
C ILE A 266 -30.57 -40.78 -3.60
N ALA A 267 -31.61 -40.26 -2.98
CA ALA A 267 -32.41 -41.07 -2.04
C ALA A 267 -32.88 -42.39 -2.68
N ARG A 268 -33.22 -42.35 -3.97
CA ARG A 268 -33.77 -43.53 -4.59
C ARG A 268 -32.78 -44.65 -4.70
N PHE A 269 -31.48 -44.36 -4.48
CA PHE A 269 -30.45 -45.39 -4.56
C PHE A 269 -30.20 -46.06 -3.23
N ASN A 270 -30.71 -45.47 -2.14
CA ASN A 270 -30.21 -45.76 -0.81
C ASN A 270 -31.29 -46.39 0.08
N GLY A 271 -32.25 -47.04 -0.54
CA GLY A 271 -33.39 -47.63 0.18
C GLY A 271 -32.98 -48.73 1.13
N ASP A 272 -31.95 -49.50 0.74
CA ASP A 272 -31.57 -50.71 1.45
C ASP A 272 -30.25 -50.54 2.23
N ALA A 273 -29.31 -49.86 1.63
CA ALA A 273 -28.00 -49.63 2.22
C ALA A 273 -27.46 -48.36 1.60
N GLU A 274 -26.43 -47.78 2.21
CA GLU A 274 -25.82 -46.60 1.61
C GLU A 274 -25.15 -46.98 0.29
N VAL A 275 -25.60 -46.40 -0.81
CA VAL A 275 -25.01 -46.69 -2.12
C VAL A 275 -24.28 -45.44 -2.64
N LEU A 276 -24.92 -44.29 -2.44
CA LEU A 276 -24.35 -43.01 -2.77
C LEU A 276 -24.52 -42.07 -1.58
N SER A 277 -23.58 -41.15 -1.43
CA SER A 277 -23.64 -40.20 -0.33
C SER A 277 -22.83 -38.99 -0.63
N ILE A 278 -23.21 -37.88 -0.04
CA ILE A 278 -22.48 -36.66 -0.31
C ILE A 278 -21.12 -36.74 0.37
N ALA A 279 -20.06 -36.55 -0.45
CA ALA A 279 -18.67 -36.76 -0.04
C ALA A 279 -17.96 -35.44 0.25
N GLY A 280 -18.56 -34.33 -0.14
CA GLY A 280 -17.92 -33.04 0.02
C GLY A 280 -18.87 -31.89 -0.24
N ASN A 281 -18.67 -30.82 0.48
CA ASN A 281 -19.32 -29.55 0.17
C ASN A 281 -18.28 -28.51 -0.18
N ASN A 282 -18.25 -28.09 -1.45
CA ASN A 282 -17.19 -27.23 -1.94
C ASN A 282 -17.63 -25.80 -2.14
N GLY A 283 -18.93 -25.62 -2.35
CA GLY A 283 -19.52 -24.28 -2.39
C GLY A 283 -21.02 -24.38 -2.41
N PRO A 284 -21.71 -23.23 -2.51
CA PRO A 284 -23.17 -23.27 -2.31
C PRO A 284 -23.86 -24.06 -3.40
N ARG A 285 -23.17 -24.24 -4.53
CA ARG A 285 -23.73 -24.96 -5.64
C ARG A 285 -22.73 -25.94 -6.22
N SER A 286 -21.92 -26.50 -5.34
CA SER A 286 -20.88 -27.39 -5.77
C SER A 286 -20.63 -28.44 -4.69
N VAL A 287 -20.94 -29.70 -5.00
CA VAL A 287 -20.70 -30.82 -4.05
C VAL A 287 -20.09 -32.00 -4.78
N THR A 288 -19.56 -32.95 -4.02
CA THR A 288 -19.11 -34.20 -4.56
C THR A 288 -19.94 -35.35 -3.96
N VAL A 289 -20.05 -36.40 -4.71
CA VAL A 289 -20.85 -37.57 -4.35
C VAL A 289 -20.02 -38.85 -4.51
N ALA A 290 -19.94 -39.65 -3.45
CA ALA A 290 -19.18 -40.90 -3.46
C ALA A 290 -20.12 -42.09 -3.51
N GLY A 291 -19.68 -43.17 -4.14
CA GLY A 291 -20.34 -44.43 -3.98
C GLY A 291 -20.09 -45.38 -5.12
N GLN A 292 -20.97 -46.37 -5.24
CA GLN A 292 -20.81 -47.43 -6.21
C GLN A 292 -20.76 -46.86 -7.62
N VAL A 293 -19.89 -47.43 -8.46
CA VAL A 293 -19.62 -46.83 -9.79
C VAL A 293 -20.86 -46.80 -10.67
N ALA A 294 -21.59 -47.92 -10.74
CA ALA A 294 -22.76 -48.00 -11.62
C ALA A 294 -23.82 -46.97 -11.24
N ALA A 295 -24.12 -46.88 -9.95
CA ALA A 295 -25.07 -45.89 -9.44
C ALA A 295 -24.58 -44.48 -9.69
N LEU A 296 -23.28 -44.27 -9.48
CA LEU A 296 -22.69 -42.96 -9.67
C LEU A 296 -22.79 -42.50 -11.11
N GLU A 297 -22.46 -43.40 -12.02
CA GLU A 297 -22.60 -43.10 -13.46
C GLU A 297 -24.04 -42.85 -13.88
N GLU A 298 -24.97 -43.60 -13.29
CA GLU A 298 -26.39 -43.38 -13.56
C GLU A 298 -26.84 -41.97 -13.10
N LEU A 299 -26.41 -41.57 -11.91
CA LEU A 299 -26.70 -40.24 -11.41
C LEU A 299 -26.08 -39.13 -12.31
N VAL A 300 -24.82 -39.33 -12.72
CA VAL A 300 -24.15 -38.33 -13.55
C VAL A 300 -24.87 -38.16 -14.89
N ALA A 301 -25.29 -39.26 -15.48
CA ALA A 301 -25.99 -39.22 -16.77
C ALA A 301 -27.37 -38.57 -16.63
N GLU A 302 -28.08 -38.89 -15.57
CA GLU A 302 -29.37 -38.24 -15.27
C GLU A 302 -29.21 -36.73 -15.16
N LEU A 303 -28.19 -36.32 -14.40
CA LEU A 303 -27.94 -34.90 -14.16
C LEU A 303 -27.55 -34.20 -15.47
N GLU A 304 -26.69 -34.81 -16.24
CA GLU A 304 -26.28 -34.20 -17.50
C GLU A 304 -27.47 -34.05 -18.45
N ALA A 305 -28.37 -35.02 -18.46
CA ALA A 305 -29.57 -34.96 -19.30
C ALA A 305 -30.50 -33.81 -18.90
N GLU A 306 -30.40 -33.34 -17.66
CA GLU A 306 -31.12 -32.11 -17.25
C GLU A 306 -30.26 -30.86 -17.30
N GLY A 307 -29.12 -30.92 -17.99
CA GLY A 307 -28.30 -29.74 -18.18
C GLY A 307 -27.36 -29.39 -17.03
N VAL A 308 -27.25 -30.27 -16.03
CA VAL A 308 -26.40 -30.01 -14.88
C VAL A 308 -25.00 -30.51 -15.17
N ARG A 309 -24.01 -29.75 -14.71
CA ARG A 309 -22.60 -30.14 -14.84
C ARG A 309 -22.27 -31.17 -13.79
N ALA A 310 -21.86 -32.34 -14.24
CA ALA A 310 -21.46 -33.40 -13.33
C ALA A 310 -20.46 -34.32 -14.02
N LYS A 311 -19.56 -34.91 -13.25
CA LYS A 311 -18.50 -35.68 -13.83
C LYS A 311 -17.85 -36.55 -12.76
N VAL A 312 -17.55 -37.80 -13.12
CA VAL A 312 -16.73 -38.67 -12.26
C VAL A 312 -15.28 -38.17 -12.25
N ILE A 313 -14.71 -38.03 -11.06
CA ILE A 313 -13.34 -37.48 -10.90
C ILE A 313 -12.32 -38.61 -11.15
N GLY A 314 -11.38 -38.35 -12.05
CA GLY A 314 -10.47 -39.39 -12.54
C GLY A 314 -9.75 -40.13 -11.42
N SER A 315 -9.77 -41.46 -11.51
CA SER A 315 -8.99 -42.35 -10.68
C SER A 315 -9.41 -42.38 -9.22
N THR A 316 -10.59 -41.85 -8.93
CA THR A 316 -11.04 -41.82 -7.55
C THR A 316 -11.68 -43.14 -7.16
N VAL A 317 -11.60 -43.44 -5.88
CA VAL A 317 -12.41 -44.48 -5.24
C VAL A 317 -13.45 -43.81 -4.36
N ALA A 318 -14.32 -44.59 -3.74
CA ALA A 318 -15.38 -44.02 -2.91
C ALA A 318 -14.89 -43.83 -1.49
N SER A 319 -13.91 -42.95 -1.31
CA SER A 319 -13.59 -42.44 0.01
C SER A 319 -14.74 -41.53 0.47
N HIS A 320 -14.70 -41.12 1.71
CA HIS A 320 -15.63 -40.14 2.24
C HIS A 320 -17.06 -40.69 2.28
N CYS A 321 -17.17 -41.99 2.45
CA CYS A 321 -18.44 -42.64 2.71
C CYS A 321 -18.18 -43.95 3.46
N ALA A 322 -19.26 -44.70 3.74
CA ALA A 322 -19.17 -45.92 4.56
C ALA A 322 -18.29 -47.02 3.95
N GLN A 323 -17.95 -46.92 2.68
CA GLN A 323 -17.00 -47.89 2.07
C GLN A 323 -15.68 -47.93 2.78
N VAL A 324 -15.31 -46.83 3.44
CA VAL A 324 -14.04 -46.83 4.12
C VAL A 324 -14.13 -47.40 5.54
N ASP A 325 -15.34 -47.64 6.05
CA ASP A 325 -15.45 -48.20 7.40
C ASP A 325 -14.73 -49.55 7.59
N PRO A 326 -14.85 -50.47 6.61
CA PRO A 326 -14.22 -51.75 6.82
C PRO A 326 -12.72 -51.66 6.88
N LEU A 327 -12.17 -50.54 6.43
CA LEU A 327 -10.73 -50.36 6.41
C LEU A 327 -10.17 -49.69 7.65
N HIS A 328 -11.05 -49.32 8.58
CA HIS A 328 -10.66 -48.53 9.75
C HIS A 328 -9.47 -49.13 10.48
N GLU A 329 -9.59 -50.38 10.89
CA GLU A 329 -8.54 -51.05 11.68
C GLU A 329 -7.19 -51.08 10.93
N ARG A 330 -7.25 -51.39 9.66
CA ARG A 330 -6.05 -51.42 8.83
C ARG A 330 -5.38 -50.04 8.71
N ILE A 331 -6.21 -49.01 8.59
CA ILE A 331 -5.67 -47.68 8.44
C ILE A 331 -4.94 -47.27 9.72
N LEU A 332 -5.50 -47.60 10.88
CA LEU A 332 -4.83 -47.25 12.16
C LEU A 332 -3.50 -47.98 12.31
N ASP A 333 -3.44 -49.22 11.84
CA ASP A 333 -2.22 -49.98 11.89
C ASP A 333 -1.18 -49.42 10.92
N LEU A 334 -1.62 -49.08 9.71
CA LEU A 334 -0.72 -48.62 8.66
C LEU A 334 -0.08 -47.29 9.01
N LEU A 335 -0.84 -46.41 9.64
CA LEU A 335 -0.43 -45.01 9.86
C LEU A 335 -0.02 -44.71 11.30
N SER A 336 0.19 -45.75 12.11
CA SER A 336 0.51 -45.56 13.53
C SER A 336 1.90 -44.91 13.74
N PHE A 337 2.73 -44.94 12.72
CA PHE A 337 4.08 -44.33 12.80
C PHE A 337 4.07 -42.81 12.93
N VAL A 338 2.97 -42.18 12.51
CA VAL A 338 2.96 -40.73 12.32
C VAL A 338 3.29 -39.99 13.61
N GLU A 339 4.15 -38.98 13.50
CA GLU A 339 4.48 -38.13 14.64
C GLU A 339 4.15 -36.67 14.33
N PRO A 340 2.88 -36.33 14.43
CA PRO A 340 2.47 -34.95 14.19
C PRO A 340 3.01 -34.00 15.23
N ARG A 341 3.11 -32.73 14.86
CA ARG A 341 3.60 -31.71 15.77
C ARG A 341 3.04 -30.35 15.40
N GLU A 342 3.15 -29.39 16.33
CA GLU A 342 2.64 -28.05 16.11
C GLU A 342 3.43 -27.38 14.99
N GLY A 343 2.71 -26.91 13.95
CA GLY A 343 3.33 -26.44 12.70
C GLY A 343 3.67 -24.93 12.76
N SER A 344 4.14 -24.40 11.61
CA SER A 344 4.57 -22.99 11.46
C SER A 344 3.38 -22.07 11.47
N VAL A 345 2.27 -22.62 11.01
CA VAL A 345 1.15 -21.90 10.56
C VAL A 345 -0.03 -22.84 10.80
N PRO A 346 -1.19 -22.30 11.23
CA PRO A 346 -2.30 -23.23 11.52
C PRO A 346 -2.82 -23.96 10.28
N LEU A 347 -3.53 -25.08 10.53
CA LEU A 347 -4.21 -25.85 9.49
C LEU A 347 -5.70 -25.86 9.78
N TYR A 348 -6.49 -25.29 8.85
CA TYR A 348 -7.93 -25.23 9.02
C TYR A 348 -8.54 -26.53 8.52
N SER A 349 -8.91 -27.41 9.43
CA SER A 349 -9.34 -28.76 9.07
C SER A 349 -10.66 -28.72 8.34
N THR A 350 -10.73 -29.44 7.22
CA THR A 350 -12.01 -29.70 6.51
C THR A 350 -12.63 -31.03 6.92
N VAL A 351 -12.06 -31.65 7.96
CA VAL A 351 -12.58 -32.84 8.54
C VAL A 351 -13.46 -32.51 9.74
N ASN A 352 -12.98 -31.66 10.64
CA ASN A 352 -13.74 -31.36 11.87
C ASN A 352 -14.03 -29.88 12.07
N GLY A 353 -13.55 -29.04 11.15
CA GLY A 353 -13.91 -27.64 11.14
C GLY A 353 -13.20 -26.84 12.24
N GLU A 354 -12.15 -27.42 12.78
CA GLU A 354 -11.35 -26.76 13.81
C GLU A 354 -10.16 -26.07 13.21
N VAL A 355 -9.60 -25.13 13.96
CA VAL A 355 -8.29 -24.61 13.67
C VAL A 355 -7.27 -25.40 14.46
N LEU A 356 -6.41 -26.11 13.73
CA LEU A 356 -5.51 -27.07 14.31
C LEU A 356 -4.08 -26.58 14.32
N SER A 357 -3.30 -26.99 15.32
CA SER A 357 -1.90 -26.63 15.40
C SER A 357 -1.11 -27.48 14.43
N GLY A 358 -1.56 -28.71 14.28
CA GLY A 358 -0.82 -29.75 13.57
C GLY A 358 -0.49 -30.96 14.43
N ALA A 359 -0.44 -30.76 15.74
CA ALA A 359 -0.08 -31.85 16.67
C ALA A 359 -1.16 -32.91 16.74
N GLU A 360 -2.34 -32.58 16.23
CA GLU A 360 -3.56 -33.43 16.33
C GLU A 360 -3.63 -34.49 15.20
N LEU A 361 -2.74 -34.38 14.18
CA LEU A 361 -2.87 -35.13 12.92
C LEU A 361 -2.30 -36.54 13.02
N ASP A 362 -2.84 -37.32 13.97
CA ASP A 362 -2.38 -38.68 14.22
C ASP A 362 -3.16 -39.68 13.35
N ALA A 363 -2.88 -40.96 13.52
CA ALA A 363 -3.54 -41.99 12.67
C ALA A 363 -5.05 -41.86 12.67
N SER A 364 -5.64 -41.60 13.84
CA SER A 364 -7.10 -41.44 13.97
C SER A 364 -7.60 -40.28 13.12
N TYR A 365 -6.83 -39.21 13.09
CA TYR A 365 -7.16 -38.08 12.20
C TYR A 365 -7.15 -38.47 10.73
N TRP A 366 -6.15 -39.22 10.30
CA TRP A 366 -6.04 -39.59 8.91
C TRP A 366 -7.10 -40.62 8.49
N PHE A 367 -7.62 -41.38 9.46
CA PHE A 367 -8.82 -42.15 9.20
C PHE A 367 -10.04 -41.24 9.00
N GLU A 368 -10.26 -40.31 9.92
CA GLU A 368 -11.39 -39.38 9.79
C GLU A 368 -11.30 -38.58 8.49
N ASN A 369 -10.08 -38.18 8.13
CA ASN A 369 -9.87 -37.42 6.89
C ASN A 369 -10.38 -38.18 5.64
N CYS A 370 -10.23 -39.51 5.61
CA CYS A 370 -10.72 -40.25 4.46
C CYS A 370 -12.11 -40.84 4.62
N ARG A 371 -12.65 -40.76 5.83
CA ARG A 371 -14.03 -41.27 6.09
C ARG A 371 -15.07 -40.21 6.03
N ARG A 372 -14.81 -39.06 6.61
CA ARG A 372 -15.82 -38.01 6.71
C ARG A 372 -15.94 -37.24 5.42
N PRO A 373 -17.15 -36.79 5.09
CA PRO A 373 -17.33 -35.76 4.04
C PRO A 373 -16.44 -34.55 4.28
N VAL A 374 -15.96 -33.98 3.20
CA VAL A 374 -15.08 -32.81 3.26
C VAL A 374 -15.94 -31.56 3.45
N SER A 375 -15.72 -30.87 4.55
CA SER A 375 -16.46 -29.66 4.83
C SER A 375 -15.68 -28.46 4.36
N PHE A 376 -15.55 -28.28 3.05
CA PHE A 376 -14.66 -27.22 2.56
C PHE A 376 -15.37 -25.84 2.57
N GLU A 377 -16.62 -25.80 2.08
CA GLU A 377 -17.41 -24.56 2.06
C GLU A 377 -17.53 -23.85 3.43
N PRO A 378 -17.81 -24.59 4.53
CA PRO A 378 -17.87 -23.92 5.84
C PRO A 378 -16.50 -23.39 6.31
N VAL A 379 -15.44 -24.06 5.92
CA VAL A 379 -14.11 -23.61 6.27
C VAL A 379 -13.73 -22.36 5.46
N VAL A 380 -14.14 -22.28 4.20
CA VAL A 380 -13.94 -21.06 3.44
C VAL A 380 -14.65 -19.88 4.13
N ARG A 381 -15.90 -20.09 4.54
CA ARG A 381 -16.63 -19.07 5.29
C ARG A 381 -15.85 -18.62 6.54
N ALA A 382 -15.32 -19.60 7.28
CA ALA A 382 -14.65 -19.30 8.49
C ALA A 382 -13.34 -18.54 8.21
N LEU A 383 -12.64 -18.94 7.13
CA LEU A 383 -11.43 -18.22 6.72
C LEU A 383 -11.75 -16.76 6.38
N ILE A 384 -12.79 -16.52 5.61
CA ILE A 384 -13.16 -15.18 5.25
C ILE A 384 -13.48 -14.37 6.52
N ALA A 385 -14.22 -14.96 7.42
CA ALA A 385 -14.58 -14.28 8.68
C ALA A 385 -13.35 -14.00 9.54
N ASP A 386 -12.31 -14.83 9.39
CA ASP A 386 -11.06 -14.68 10.14
C ASP A 386 -10.07 -13.69 9.46
N GLY A 387 -10.50 -13.09 8.36
CA GLY A 387 -9.82 -11.98 7.72
C GLY A 387 -8.90 -12.42 6.59
N PHE A 388 -9.13 -13.63 6.06
CA PHE A 388 -8.41 -14.12 4.84
C PHE A 388 -9.11 -13.64 3.58
N ASP A 389 -8.39 -12.96 2.70
CA ASP A 389 -8.95 -12.68 1.38
C ASP A 389 -8.03 -13.02 0.21
N VAL A 390 -6.98 -13.81 0.46
CA VAL A 390 -6.15 -14.27 -0.62
C VAL A 390 -6.05 -15.77 -0.45
N PHE A 391 -6.55 -16.49 -1.44
CA PHE A 391 -6.57 -17.94 -1.42
C PHE A 391 -5.77 -18.41 -2.58
N VAL A 392 -4.66 -19.09 -2.32
CA VAL A 392 -3.79 -19.53 -3.41
C VAL A 392 -3.88 -21.04 -3.51
N GLU A 393 -4.43 -21.53 -4.62
CA GLU A 393 -4.53 -22.96 -4.80
C GLU A 393 -3.25 -23.48 -5.43
N SER A 394 -2.51 -24.24 -4.62
CA SER A 394 -1.18 -24.73 -4.97
C SER A 394 -1.26 -26.04 -5.77
N SER A 395 -1.82 -25.95 -6.98
CA SER A 395 -2.21 -27.15 -7.75
C SER A 395 -1.90 -27.01 -9.25
N ALA A 396 -1.91 -28.16 -9.94
CA ALA A 396 -1.65 -28.22 -11.36
C ALA A 396 -2.83 -27.71 -12.21
N HIS A 397 -4.02 -27.57 -11.60
CA HIS A 397 -5.23 -27.15 -12.34
C HIS A 397 -6.28 -26.77 -11.33
N PRO A 398 -6.92 -25.59 -11.51
CA PRO A 398 -7.69 -25.03 -10.36
C PRO A 398 -9.02 -25.73 -10.20
N VAL A 399 -9.20 -26.37 -9.06
CA VAL A 399 -10.40 -27.12 -8.88
C VAL A 399 -11.28 -26.63 -7.78
N LEU A 400 -10.75 -25.82 -6.87
CA LEU A 400 -11.55 -25.29 -5.77
C LEU A 400 -11.72 -23.77 -5.83
N THR A 401 -11.07 -23.10 -6.76
CA THR A 401 -11.16 -21.65 -6.86
C THR A 401 -12.59 -21.20 -7.20
N TYR A 402 -13.26 -21.97 -8.05
CA TYR A 402 -14.67 -21.64 -8.40
C TYR A 402 -15.55 -21.67 -7.16
N GLY A 403 -15.37 -22.70 -6.35
CA GLY A 403 -16.11 -22.84 -5.10
C GLY A 403 -15.80 -21.76 -4.08
N ILE A 404 -14.54 -21.34 -4.01
CA ILE A 404 -14.17 -20.29 -3.12
C ILE A 404 -14.86 -18.98 -3.51
N SER A 405 -14.80 -18.60 -4.79
CA SER A 405 -15.47 -17.36 -5.26
C SER A 405 -16.98 -17.43 -5.03
N GLU A 406 -17.58 -18.56 -5.37
CA GLU A 406 -19.06 -18.76 -5.17
C GLU A 406 -19.47 -18.60 -3.69
N THR A 407 -18.67 -19.18 -2.80
CA THR A 407 -18.88 -19.02 -1.37
C THR A 407 -18.70 -17.56 -0.93
N SER A 408 -17.62 -16.92 -1.38
CA SER A 408 -17.38 -15.50 -1.03
C SER A 408 -18.58 -14.62 -1.50
N ASP A 409 -19.14 -14.93 -2.64
CA ASP A 409 -20.32 -14.19 -3.15
C ASP A 409 -21.54 -14.38 -2.23
N ASP A 410 -21.68 -15.57 -1.70
CA ASP A 410 -22.77 -15.88 -0.79
C ASP A 410 -22.59 -15.15 0.56
N VAL A 411 -21.35 -14.94 0.97
CA VAL A 411 -21.08 -14.22 2.20
C VAL A 411 -21.05 -12.70 1.98
N GLY A 412 -20.81 -12.28 0.74
CA GLY A 412 -20.82 -10.87 0.37
C GLY A 412 -19.49 -10.17 0.61
N VAL A 413 -18.39 -10.94 0.51
CA VAL A 413 -17.03 -10.40 0.71
C VAL A 413 -16.19 -10.76 -0.51
N GLU A 414 -15.53 -9.78 -1.08
CA GLU A 414 -14.63 -10.02 -2.23
C GLU A 414 -13.36 -10.66 -1.77
N VAL A 415 -12.96 -11.75 -2.42
CA VAL A 415 -11.64 -12.36 -2.16
C VAL A 415 -10.92 -12.67 -3.48
N LEU A 416 -9.60 -12.91 -3.42
CA LEU A 416 -8.86 -13.41 -4.58
C LEU A 416 -8.71 -14.93 -4.46
N ALA A 417 -9.18 -15.63 -5.48
CA ALA A 417 -9.02 -17.08 -5.56
C ALA A 417 -8.18 -17.41 -6.77
N GLN A 418 -6.94 -17.76 -6.52
CA GLN A 418 -5.93 -17.77 -7.54
C GLN A 418 -5.36 -19.17 -7.64
N GLY A 419 -5.35 -19.73 -8.84
CA GLY A 419 -4.66 -21.00 -9.11
C GLY A 419 -3.17 -20.80 -9.43
N THR A 420 -2.47 -21.91 -9.65
CA THR A 420 -1.08 -21.88 -9.98
C THR A 420 -0.93 -22.31 -11.43
N LEU A 421 -0.98 -23.60 -11.71
CA LEU A 421 -1.00 -24.04 -13.09
C LEU A 421 -2.41 -24.34 -13.57
N ARG A 422 -2.52 -24.67 -14.87
CA ARG A 422 -3.77 -25.05 -15.44
C ARG A 422 -3.51 -26.11 -16.48
N ARG A 423 -4.55 -26.90 -16.80
CA ARG A 423 -4.38 -27.99 -17.77
C ARG A 423 -3.71 -27.47 -19.09
N GLN A 424 -2.61 -28.13 -19.48
CA GLN A 424 -1.80 -27.80 -20.67
C GLN A 424 -1.14 -26.42 -20.61
N GLU A 425 -1.07 -25.85 -19.42
CA GLU A 425 -0.32 -24.65 -19.19
C GLU A 425 0.61 -24.85 -18.02
N GLY A 426 1.87 -25.13 -18.33
CA GLY A 426 2.74 -25.72 -17.36
C GLY A 426 4.07 -25.06 -17.18
N GLY A 427 4.30 -23.94 -17.85
CA GLY A 427 5.63 -23.37 -17.87
C GLY A 427 5.71 -21.91 -17.41
N PRO A 428 6.74 -21.21 -17.83
CA PRO A 428 6.93 -19.92 -17.23
C PRO A 428 5.81 -18.95 -17.54
N ARG A 429 5.23 -19.02 -18.74
CA ARG A 429 4.12 -18.12 -19.01
C ARG A 429 2.98 -18.32 -17.98
N ARG A 430 2.61 -19.57 -17.73
CA ARG A 430 1.56 -19.84 -16.75
C ARG A 430 1.90 -19.34 -15.35
N VAL A 431 3.12 -19.58 -14.89
CA VAL A 431 3.55 -19.08 -13.57
C VAL A 431 3.44 -17.56 -13.54
N LEU A 432 4.09 -16.91 -14.49
CA LEU A 432 4.07 -15.44 -14.53
C LEU A 432 2.66 -14.90 -14.62
N THR A 433 1.80 -15.58 -15.38
CA THR A 433 0.38 -15.19 -15.50
C THR A 433 -0.39 -15.29 -14.16
N SER A 434 -0.13 -16.34 -13.41
CA SER A 434 -0.71 -16.46 -12.10
C SER A 434 -0.16 -15.41 -11.13
N PHE A 435 1.15 -15.17 -11.20
CA PHE A 435 1.75 -14.10 -10.40
C PHE A 435 1.05 -12.75 -10.74
N ALA A 436 0.90 -12.46 -12.03
CA ALA A 436 0.28 -11.20 -12.49
C ALA A 436 -1.17 -11.08 -12.06
N GLU A 437 -1.91 -12.19 -12.15
CA GLU A 437 -3.28 -12.23 -11.71
C GLU A 437 -3.41 -11.91 -10.20
N ALA A 438 -2.48 -12.40 -9.40
CA ALA A 438 -2.45 -12.07 -7.96
C ALA A 438 -2.03 -10.61 -7.73
N TRP A 439 -0.92 -10.21 -8.34
CA TRP A 439 -0.33 -8.89 -8.07
C TRP A 439 -1.25 -7.77 -8.56
N THR A 440 -1.89 -7.96 -9.71
CA THR A 440 -2.75 -6.90 -10.23
C THR A 440 -3.95 -6.72 -9.35
N ARG A 441 -4.26 -7.72 -8.52
CA ARG A 441 -5.36 -7.60 -7.53
C ARG A 441 -4.85 -7.22 -6.14
N GLY A 442 -3.56 -6.98 -5.99
CA GLY A 442 -3.04 -6.31 -4.79
C GLY A 442 -2.13 -7.17 -3.92
N VAL A 443 -1.83 -8.37 -4.38
CA VAL A 443 -0.98 -9.26 -3.65
C VAL A 443 0.43 -8.72 -3.74
N ALA A 444 1.07 -8.54 -2.59
CA ALA A 444 2.48 -8.18 -2.54
C ALA A 444 3.30 -9.30 -3.17
N LEU A 445 4.11 -8.96 -4.16
CA LEU A 445 4.86 -9.98 -4.89
C LEU A 445 6.21 -9.43 -5.37
N ASP A 446 7.28 -10.17 -5.13
CA ASP A 446 8.62 -9.65 -5.36
C ASP A 446 9.08 -9.97 -6.75
N TRP A 447 8.61 -9.16 -7.69
CA TRP A 447 8.90 -9.35 -9.09
C TRP A 447 10.38 -9.33 -9.42
N THR A 448 11.16 -8.64 -8.60
CA THR A 448 12.62 -8.63 -8.81
C THR A 448 13.21 -10.04 -8.79
N ALA A 449 12.63 -10.92 -8.00
CA ALA A 449 13.12 -12.29 -7.88
C ALA A 449 12.94 -13.10 -9.18
N VAL A 450 12.00 -12.69 -10.03
CA VAL A 450 11.85 -13.31 -11.34
C VAL A 450 13.11 -13.20 -12.20
N PHE A 451 13.88 -12.13 -11.97
CA PHE A 451 15.01 -11.84 -12.82
C PHE A 451 16.33 -12.42 -12.29
N ALA A 452 16.26 -13.22 -11.23
CA ALA A 452 17.46 -13.88 -10.66
C ALA A 452 18.14 -14.72 -11.72
N GLY A 453 19.43 -14.46 -11.93
CA GLY A 453 20.27 -15.27 -12.82
C GLY A 453 20.26 -14.82 -14.26
N ARG A 454 19.48 -13.80 -14.58
CA ARG A 454 19.31 -13.40 -15.99
C ARG A 454 20.40 -12.43 -16.43
N GLY A 455 21.16 -11.93 -15.46
CA GLY A 455 22.20 -10.94 -15.72
C GLY A 455 21.66 -9.57 -16.10
N ALA A 456 20.49 -9.22 -15.56
CA ALA A 456 19.83 -7.92 -15.85
C ALA A 456 20.50 -6.76 -15.10
N LYS A 457 20.32 -5.55 -15.62
CA LYS A 457 20.76 -4.34 -14.91
C LYS A 457 19.72 -3.26 -15.08
N ALA A 458 19.74 -2.31 -14.15
CA ALA A 458 18.82 -1.14 -14.24
C ALA A 458 19.16 -0.25 -15.43
N VAL A 459 18.11 0.19 -16.12
CA VAL A 459 18.26 1.03 -17.30
C VAL A 459 17.29 2.20 -17.20
N ASP A 460 17.58 3.26 -17.92
CA ASP A 460 16.74 4.45 -17.88
C ASP A 460 15.32 4.15 -18.36
N LEU A 461 14.35 4.71 -17.66
CA LEU A 461 12.94 4.54 -17.98
C LEU A 461 12.30 5.92 -17.98
N PRO A 462 11.21 6.08 -18.75
CA PRO A 462 10.62 7.42 -18.68
C PRO A 462 10.29 7.81 -17.26
N THR A 463 10.37 9.10 -16.97
CA THR A 463 9.95 9.55 -15.65
C THR A 463 8.46 9.29 -15.56
N TYR A 464 7.97 9.06 -14.36
CA TYR A 464 6.55 8.74 -14.20
C TYR A 464 5.65 9.87 -14.77
N ALA A 465 6.03 11.12 -14.52
CA ALA A 465 5.37 12.27 -15.19
C ALA A 465 6.43 13.21 -15.77
N PHE A 466 6.08 13.95 -16.82
CA PHE A 466 7.08 14.70 -17.60
C PHE A 466 7.73 15.79 -16.74
N PRO B 34 24.81 31.57 8.70
CA PRO B 34 24.69 31.24 7.25
C PRO B 34 23.79 32.25 6.52
N ALA B 35 24.14 32.59 5.28
CA ALA B 35 23.34 33.55 4.52
C ALA B 35 22.03 32.93 4.04
N LEU B 36 21.04 33.78 3.81
CA LEU B 36 19.77 33.33 3.31
C LEU B 36 19.90 32.80 1.87
N PHE B 37 20.67 33.48 1.02
CA PHE B 37 20.91 33.02 -0.32
C PHE B 37 22.40 33.01 -0.67
N SER B 38 22.79 32.06 -1.51
CA SER B 38 24.14 32.03 -2.07
C SER B 38 24.09 32.47 -3.53
N GLY B 39 25.26 32.57 -4.16
CA GLY B 39 25.30 32.75 -5.60
C GLY B 39 24.79 34.12 -6.03
N ASP B 40 23.98 34.15 -7.09
CA ASP B 40 23.59 35.40 -7.75
C ASP B 40 22.07 35.48 -7.92
N PRO B 41 21.35 35.39 -6.81
CA PRO B 41 19.90 35.22 -6.86
C PRO B 41 19.23 36.54 -7.27
N LEU B 42 17.97 36.50 -7.65
CA LEU B 42 17.30 37.74 -7.85
C LEU B 42 17.21 38.53 -6.54
N VAL B 43 16.96 39.83 -6.70
CA VAL B 43 17.10 40.83 -5.65
C VAL B 43 15.72 41.48 -5.53
N PRO B 44 15.31 41.84 -4.30
CA PRO B 44 14.14 42.67 -4.20
C PRO B 44 14.49 44.16 -4.06
N TRP B 45 13.68 44.99 -4.71
CA TRP B 45 13.64 46.42 -4.47
C TRP B 45 12.32 46.72 -3.83
N ILE B 46 12.36 47.18 -2.59
CA ILE B 46 11.15 47.48 -1.89
C ILE B 46 10.93 48.98 -1.88
N VAL B 47 9.67 49.36 -2.04
CA VAL B 47 9.24 50.76 -2.18
C VAL B 47 7.99 51.01 -1.38
N SER B 48 7.87 52.21 -0.82
CA SER B 48 6.64 52.55 -0.13
C SER B 48 6.40 54.04 -0.16
N ALA B 49 5.15 54.41 0.00
CA ALA B 49 4.71 55.83 0.00
C ALA B 49 3.46 55.98 0.80
N LYS B 50 3.05 57.23 1.05
CA LYS B 50 1.99 57.51 2.00
C LYS B 50 0.62 57.34 1.34
N SER B 51 0.59 57.43 0.03
CA SER B 51 -0.67 57.24 -0.69
C SER B 51 -0.44 56.35 -1.92
N ALA B 52 -1.53 55.87 -2.53
CA ALA B 52 -1.46 55.18 -3.81
C ALA B 52 -0.83 56.05 -4.89
N GLY B 53 -1.24 57.31 -4.97
CA GLY B 53 -0.63 58.21 -5.90
C GLY B 53 0.85 58.39 -5.64
N GLY B 54 1.22 58.47 -4.38
CA GLY B 54 2.60 58.74 -4.03
C GLY B 54 3.49 57.57 -4.43
N LEU B 55 2.93 56.38 -4.36
CA LEU B 55 3.67 55.14 -4.67
C LEU B 55 3.88 55.00 -6.18
N GLU B 56 2.85 55.37 -6.94
CA GLU B 56 3.01 55.54 -8.38
C GLU B 56 4.11 56.54 -8.72
N ALA B 57 4.09 57.67 -8.04
CA ALA B 57 5.10 58.66 -8.25
C ALA B 57 6.49 58.16 -7.87
N GLN B 58 6.58 57.44 -6.76
CA GLN B 58 7.85 56.94 -6.28
C GLN B 58 8.45 55.94 -7.26
N ARG B 59 7.61 55.07 -7.81
CA ARG B 59 8.08 54.07 -8.76
C ARG B 59 8.61 54.74 -10.02
N ALA B 60 7.92 55.80 -10.41
CA ALA B 60 8.32 56.58 -11.58
C ALA B 60 9.63 57.30 -11.37
N ARG B 61 9.81 57.91 -10.18
CA ARG B 61 11.03 58.66 -9.87
C ARG B 61 12.22 57.75 -9.67
N LEU B 62 11.97 56.55 -9.12
CA LEU B 62 13.03 55.57 -8.96
C LEU B 62 13.50 55.07 -10.33
N GLY B 63 12.55 54.78 -11.22
CA GLY B 63 12.85 54.29 -12.56
C GLY B 63 13.62 55.30 -13.37
N ARG B 64 13.29 56.57 -13.16
CA ARG B 64 13.95 57.65 -13.89
C ARG B 64 15.33 57.88 -13.31
N HIS B 65 15.43 57.75 -12.00
CA HIS B 65 16.70 57.91 -11.35
C HIS B 65 17.63 56.82 -11.83
N VAL B 66 17.08 55.66 -12.13
CA VAL B 66 17.86 54.55 -12.64
C VAL B 66 18.25 54.73 -14.10
N SER B 67 17.25 55.03 -14.95
CA SER B 67 17.52 55.65 -16.26
C SER B 67 18.48 56.81 -16.12
N GLY B 73 25.01 46.30 -7.10
CA GLY B 73 24.57 47.31 -8.06
C GLY B 73 23.06 47.30 -8.24
N ALA B 74 22.53 46.21 -8.77
CA ALA B 74 21.17 45.82 -8.50
C ALA B 74 21.02 45.73 -7.01
N THR B 75 21.95 45.03 -6.37
CA THR B 75 21.81 44.65 -4.97
C THR B 75 22.19 45.80 -4.07
N ASP B 76 22.99 46.74 -4.63
CA ASP B 76 23.24 48.04 -3.99
C ASP B 76 21.99 48.83 -3.81
N LEU B 77 21.27 49.03 -4.92
CA LEU B 77 20.04 49.77 -4.90
C LEU B 77 19.05 49.09 -3.94
N GLY B 78 18.97 47.75 -4.00
CA GLY B 78 18.08 47.01 -3.08
C GLY B 78 18.40 47.28 -1.61
N TYR B 79 19.67 47.09 -1.26
CA TYR B 79 20.11 47.23 0.09
C TYR B 79 19.78 48.64 0.57
N SER B 80 20.06 49.61 -0.27
CA SER B 80 19.83 51.00 0.06
C SER B 80 18.35 51.30 0.32
N LEU B 81 17.49 50.78 -0.56
CA LEU B 81 16.04 50.96 -0.42
C LEU B 81 15.56 50.33 0.86
N ALA B 82 16.21 49.25 1.29
CA ALA B 82 15.81 48.55 2.50
C ALA B 82 16.29 49.29 3.75
N ALA B 83 17.43 49.96 3.64
CA ALA B 83 18.11 50.50 4.83
C ALA B 83 17.70 51.93 5.13
N THR B 84 17.36 52.70 4.11
CA THR B 84 17.42 54.18 4.22
C THR B 84 16.06 54.84 4.08
N ARG B 85 15.03 54.04 3.86
CA ARG B 85 13.68 54.54 3.62
C ARG B 85 12.79 54.17 4.79
N ALA B 86 11.82 55.03 5.09
CA ALA B 86 10.79 54.67 6.06
C ALA B 86 9.82 53.76 5.36
N ALA B 87 9.10 52.93 6.13
CA ALA B 87 8.16 51.98 5.56
C ALA B 87 6.75 52.55 5.70
N PHE B 88 6.30 53.25 4.67
CA PHE B 88 4.98 53.86 4.67
C PHE B 88 3.90 52.83 4.29
N GLU B 89 2.65 53.29 4.24
CA GLU B 89 1.48 52.43 4.17
C GLU B 89 1.43 51.63 2.87
N HIS B 90 1.64 52.33 1.77
CA HIS B 90 1.38 51.77 0.46
C HIS B 90 2.70 51.19 -0.07
N ARG B 91 2.72 49.90 -0.32
CA ARG B 91 3.97 49.17 -0.51
C ARG B 91 4.00 48.31 -1.77
N ALA B 92 5.18 48.26 -2.36
CA ALA B 92 5.44 47.39 -3.50
C ALA B 92 6.78 46.76 -3.38
N VAL B 93 6.96 45.64 -4.11
CA VAL B 93 8.25 45.02 -4.22
C VAL B 93 8.45 44.53 -5.63
N VAL B 94 9.58 44.86 -6.20
CA VAL B 94 9.99 44.40 -7.51
C VAL B 94 11.12 43.40 -7.36
N LEU B 95 11.11 42.37 -8.19
CA LEU B 95 12.14 41.34 -8.17
C LEU B 95 12.82 41.28 -9.52
N GLY B 96 14.11 41.12 -9.49
CA GLY B 96 14.92 40.89 -10.73
C GLY B 96 16.39 40.79 -10.39
N THR B 97 17.22 40.50 -11.40
CA THR B 97 18.64 40.24 -11.16
C THR B 97 19.52 41.41 -11.68
N THR B 98 19.15 41.96 -12.83
CA THR B 98 19.77 43.17 -13.33
C THR B 98 18.99 44.43 -12.94
N THR B 99 19.65 45.58 -13.10
CA THR B 99 19.02 46.87 -12.87
C THR B 99 17.96 47.18 -13.94
N GLU B 100 18.13 46.64 -15.14
CA GLU B 100 17.18 46.85 -16.22
C GLU B 100 15.87 46.11 -15.96
N GLN B 101 15.98 44.83 -15.60
CA GLN B 101 14.85 44.03 -15.16
C GLN B 101 14.08 44.77 -14.06
N LEU B 102 14.81 45.26 -13.08
CA LEU B 102 14.21 45.85 -11.90
C LEU B 102 13.60 47.22 -12.25
N ARG B 103 14.23 47.93 -13.19
CA ARG B 103 13.74 49.23 -13.64
C ARG B 103 12.43 49.12 -14.39
N THR B 104 12.39 48.28 -15.42
CA THR B 104 11.14 48.05 -16.09
C THR B 104 10.17 47.36 -15.12
N GLY B 105 10.71 46.65 -14.14
CA GLY B 105 9.87 46.00 -13.11
C GLY B 105 9.05 47.00 -12.28
N LEU B 106 9.53 48.23 -12.20
CA LEU B 106 8.83 49.29 -11.47
C LEU B 106 7.55 49.67 -12.13
N GLU B 107 7.45 49.44 -13.44
CA GLU B 107 6.25 49.75 -14.16
C GLU B 107 5.17 48.70 -13.90
N ALA B 108 5.57 47.56 -13.32
CA ALA B 108 4.61 46.54 -12.90
C ALA B 108 5.19 45.67 -11.78
N PRO B 109 5.04 46.11 -10.53
CA PRO B 109 5.68 45.39 -9.42
C PRO B 109 5.11 43.99 -9.24
N ASP B 110 5.96 43.09 -8.78
CA ASP B 110 5.61 41.69 -8.60
C ASP B 110 4.58 41.54 -7.49
N VAL B 111 4.72 42.34 -6.44
CA VAL B 111 3.82 42.28 -5.34
C VAL B 111 3.53 43.71 -4.87
N ALA B 112 2.31 43.93 -4.48
CA ALA B 112 1.92 45.22 -3.93
C ALA B 112 0.82 45.04 -2.91
N GLY B 113 0.77 45.94 -1.94
CA GLY B 113 -0.30 45.92 -0.98
C GLY B 113 -0.33 47.13 -0.09
N VAL B 114 -1.22 47.10 0.88
CA VAL B 114 -1.36 48.15 1.88
C VAL B 114 -1.18 47.53 3.28
N SER B 115 -0.36 48.18 4.10
CA SER B 115 -0.02 47.65 5.40
C SER B 115 -1.21 47.71 6.38
N SER B 116 -1.52 46.57 7.00
CA SER B 116 -2.81 46.39 7.67
C SER B 116 -2.71 45.54 8.95
N VAL B 117 -1.78 44.60 9.01
CA VAL B 117 -1.63 43.79 10.22
C VAL B 117 -0.81 44.51 11.28
N SER B 118 -1.00 44.12 12.53
CA SER B 118 -0.42 44.84 13.64
C SER B 118 -0.02 43.88 14.76
N GLY B 119 -0.57 42.65 14.73
CA GLY B 119 -0.67 41.83 15.93
C GLY B 119 0.42 40.75 16.02
N LYS B 120 0.10 39.66 16.69
CA LYS B 120 1.09 38.65 17.00
C LYS B 120 1.17 37.64 15.85
N THR B 121 2.22 36.84 15.85
CA THR B 121 2.51 35.90 14.78
C THR B 121 2.39 34.44 15.27
N VAL B 122 1.68 33.61 14.51
CA VAL B 122 1.68 32.18 14.76
C VAL B 122 2.21 31.42 13.56
N PHE B 123 3.10 30.46 13.78
CA PHE B 123 3.51 29.56 12.70
C PHE B 123 2.62 28.34 12.70
N VAL B 124 2.20 27.94 11.50
CA VAL B 124 1.24 26.86 11.30
C VAL B 124 1.96 25.75 10.55
N PHE B 125 1.80 24.54 11.04
CA PHE B 125 2.46 23.35 10.47
C PHE B 125 1.40 22.31 10.08
N PRO B 126 1.07 22.25 8.80
CA PRO B 126 0.03 21.32 8.32
C PRO B 126 0.47 19.86 8.38
N GLY B 127 -0.45 18.96 8.13
CA GLY B 127 -0.10 17.57 7.97
C GLY B 127 0.09 17.23 6.52
N GLN B 128 -0.49 16.13 6.09
CA GLN B 128 -0.24 15.67 4.75
C GLN B 128 -1.03 16.53 3.80
N GLY B 129 -0.49 16.72 2.61
CA GLY B 129 -1.16 17.51 1.58
C GLY B 129 -0.28 18.63 1.02
N SER B 130 0.83 18.91 1.69
CA SER B 130 1.69 20.01 1.22
C SER B 130 2.79 19.57 0.23
N GLN B 131 2.86 18.28 -0.08
CA GLN B 131 4.03 17.79 -0.83
C GLN B 131 3.88 17.95 -2.33
N TRP B 132 5.02 18.10 -3.01
CA TRP B 132 5.06 18.01 -4.45
C TRP B 132 6.41 17.46 -4.92
N ALA B 133 6.39 16.82 -6.10
CA ALA B 133 7.56 16.17 -6.64
C ALA B 133 8.66 17.19 -6.91
N GLY B 134 9.77 17.08 -6.20
CA GLY B 134 10.92 17.98 -6.40
C GLY B 134 10.94 19.18 -5.47
N MET B 135 10.03 19.19 -4.49
CA MET B 135 10.07 20.21 -3.42
C MET B 135 11.40 20.19 -2.67
N ALA B 136 11.83 21.38 -2.24
CA ALA B 136 12.99 21.56 -1.37
C ALA B 136 14.33 21.56 -2.12
N VAL B 137 14.37 20.89 -3.28
CA VAL B 137 15.66 20.71 -3.97
C VAL B 137 16.26 22.04 -4.36
N GLU B 138 15.48 22.88 -5.02
CA GLU B 138 16.02 24.16 -5.43
C GLU B 138 16.50 25.00 -4.24
N LEU B 139 15.80 24.88 -3.12
CA LEU B 139 16.18 25.62 -1.95
C LEU B 139 17.43 25.06 -1.24
N LEU B 140 17.68 23.74 -1.36
CA LEU B 140 18.87 23.17 -0.79
C LEU B 140 20.06 23.83 -1.47
N ASP B 141 19.92 24.08 -2.75
CA ASP B 141 21.05 24.52 -3.53
C ASP B 141 21.21 26.03 -3.63
N SER B 142 20.26 26.78 -3.09
CA SER B 142 20.25 28.24 -3.26
C SER B 142 20.22 28.99 -1.94
N SER B 143 19.99 28.26 -0.84
CA SER B 143 19.82 28.88 0.47
C SER B 143 20.61 28.14 1.55
N PRO B 144 21.73 28.72 1.96
CA PRO B 144 22.56 28.10 2.99
C PRO B 144 21.83 28.00 4.32
N VAL B 145 20.95 28.95 4.62
CA VAL B 145 20.14 28.87 5.85
C VAL B 145 19.24 27.62 5.85
N PHE B 146 18.53 27.41 4.75
CA PHE B 146 17.64 26.24 4.60
C PHE B 146 18.46 24.97 4.63
N ALA B 147 19.56 24.95 3.89
CA ALA B 147 20.38 23.72 3.76
C ALA B 147 20.97 23.32 5.12
N ALA B 148 21.31 24.30 5.95
CA ALA B 148 21.94 24.03 7.23
C ALA B 148 20.94 23.45 8.22
N ARG B 149 19.75 24.04 8.25
CA ARG B 149 18.70 23.52 9.09
C ARG B 149 18.28 22.14 8.62
N PHE B 150 18.09 22.00 7.31
CA PHE B 150 17.72 20.74 6.73
C PHE B 150 18.71 19.63 7.13
N ALA B 151 19.99 19.93 7.15
CA ALA B 151 20.98 18.93 7.49
C ALA B 151 20.85 18.50 8.96
N GLU B 152 20.63 19.48 9.85
CA GLU B 152 20.45 19.21 11.30
C GLU B 152 19.25 18.29 11.49
N VAL B 153 18.12 18.66 10.89
CA VAL B 153 16.89 17.89 11.07
C VAL B 153 16.97 16.51 10.41
N ALA B 154 17.59 16.45 9.23
CA ALA B 154 17.81 15.17 8.53
C ALA B 154 18.67 14.25 9.36
N SER B 155 19.69 14.78 9.99
CA SER B 155 20.57 13.94 10.84
C SER B 155 19.80 13.30 11.98
N ALA B 156 18.84 14.04 12.51
CA ALA B 156 17.96 13.52 13.54
C ALA B 156 17.03 12.43 13.03
N VAL B 157 16.47 12.55 11.82
CA VAL B 157 15.63 11.47 11.38
C VAL B 157 16.46 10.25 10.98
N GLU B 158 17.64 10.51 10.48
CA GLU B 158 18.47 9.42 9.93
C GLU B 158 19.11 8.57 11.03
N ALA B 159 18.99 9.01 12.27
CA ALA B 159 19.35 8.14 13.40
C ALA B 159 18.38 6.92 13.50
N HIS B 160 17.20 7.02 12.89
CA HIS B 160 16.14 6.00 13.07
C HIS B 160 15.68 5.36 11.76
N VAL B 161 16.35 5.72 10.67
CA VAL B 161 16.04 5.15 9.42
C VAL B 161 17.31 4.80 8.64
N ASP B 162 17.16 3.96 7.64
CA ASP B 162 18.29 3.44 6.86
C ASP B 162 18.64 4.32 5.67
N TRP B 163 17.73 5.20 5.30
CA TRP B 163 17.84 5.95 4.05
C TRP B 163 18.26 7.38 4.34
N SER B 164 18.61 8.11 3.28
CA SER B 164 19.03 9.51 3.39
C SER B 164 17.85 10.45 3.05
N VAL B 165 17.55 11.40 3.94
CA VAL B 165 16.48 12.35 3.67
C VAL B 165 16.76 13.21 2.42
N GLU B 166 17.98 13.74 2.34
CA GLU B 166 18.40 14.54 1.19
C GLU B 166 18.31 13.72 -0.10
N SER B 167 18.78 12.47 -0.07
CA SER B 167 18.73 11.61 -1.28
C SER B 167 17.30 11.40 -1.77
N VAL B 168 16.38 11.15 -0.84
CA VAL B 168 14.99 10.99 -1.19
C VAL B 168 14.41 12.29 -1.74
N VAL B 169 14.69 13.40 -1.10
CA VAL B 169 14.24 14.69 -1.59
C VAL B 169 14.77 14.98 -2.98
N ARG B 170 16.01 14.56 -3.25
CA ARG B 170 16.63 14.80 -4.57
C ARG B 170 16.23 13.76 -5.59
N GLY B 171 15.42 12.79 -5.17
CA GLY B 171 14.95 11.73 -6.07
C GLY B 171 16.07 10.86 -6.59
N ALA B 172 17.08 10.62 -5.77
CA ALA B 172 18.24 9.84 -6.21
C ALA B 172 17.85 8.39 -6.51
N ASP B 173 18.61 7.76 -7.40
CA ASP B 173 18.35 6.37 -7.77
C ASP B 173 18.39 5.45 -6.56
N GLY B 174 17.45 4.51 -6.51
CA GLY B 174 17.45 3.49 -5.49
C GLY B 174 17.03 3.99 -4.11
N THR B 175 16.33 5.11 -4.05
CA THR B 175 15.80 5.60 -2.77
C THR B 175 14.31 5.27 -2.60
N PRO B 176 13.83 5.26 -1.35
CA PRO B 176 12.44 4.87 -1.08
C PRO B 176 11.45 5.85 -1.68
N SER B 177 10.25 5.37 -2.03
CA SER B 177 9.27 6.20 -2.71
C SER B 177 8.59 7.16 -1.74
N LEU B 178 8.36 8.40 -2.16
CA LEU B 178 7.60 9.37 -1.29
C LEU B 178 6.11 9.16 -1.28
N ASP B 179 5.62 8.17 -2.01
CA ASP B 179 4.20 7.82 -1.93
C ASP B 179 3.93 6.98 -0.68
N ARG B 180 5.00 6.51 -0.06
CA ARG B 180 4.91 5.72 1.17
C ARG B 180 4.78 6.67 2.36
N ILE B 181 3.82 6.42 3.23
CA ILE B 181 3.55 7.30 4.39
C ILE B 181 4.76 7.37 5.35
N GLU B 182 5.47 6.25 5.51
CA GLU B 182 6.59 6.19 6.43
C GLU B 182 7.86 6.88 5.88
N ILE B 183 7.83 7.25 4.61
CA ILE B 183 8.90 8.04 4.00
C ILE B 183 8.45 9.49 3.93
N LEU B 184 7.22 9.68 3.48
CA LEU B 184 6.68 11.02 3.29
C LEU B 184 6.61 11.83 4.59
N GLN B 185 6.08 11.24 5.65
CA GLN B 185 5.91 12.01 6.91
C GLN B 185 7.27 12.53 7.46
N PRO B 186 8.33 11.69 7.49
CA PRO B 186 9.55 12.27 8.04
C PRO B 186 10.19 13.26 7.11
N VAL B 187 9.97 13.09 5.81
CA VAL B 187 10.46 14.08 4.84
C VAL B 187 9.71 15.43 4.95
N LEU B 188 8.40 15.39 5.14
CA LEU B 188 7.66 16.64 5.32
C LEU B 188 8.03 17.34 6.64
N PHE B 189 8.24 16.56 7.68
CA PHE B 189 8.73 17.07 8.97
C PHE B 189 10.01 17.83 8.79
N THR B 190 10.91 17.26 8.01
CA THR B 190 12.21 17.89 7.77
C THR B 190 12.07 19.16 6.97
N VAL B 191 11.20 19.14 5.96
CA VAL B 191 10.97 20.31 5.16
C VAL B 191 10.31 21.43 5.97
N MET B 192 9.30 21.10 6.77
CA MET B 192 8.51 22.17 7.48
C MET B 192 9.36 22.84 8.54
N VAL B 193 10.13 22.04 9.26
CA VAL B 193 10.99 22.60 10.26
C VAL B 193 12.07 23.48 9.63
N SER B 194 12.60 23.06 8.50
CA SER B 194 13.65 23.83 7.82
C SER B 194 13.14 25.15 7.24
N LEU B 195 11.92 25.14 6.74
CA LEU B 195 11.32 26.32 6.19
C LEU B 195 11.10 27.39 7.24
N ALA B 196 10.88 26.98 8.50
CA ALA B 196 10.70 28.00 9.55
C ALA B 196 11.96 28.79 9.73
N ALA B 197 13.11 28.15 9.52
CA ALA B 197 14.42 28.82 9.65
C ALA B 197 14.63 29.88 8.56
N VAL B 198 13.99 29.70 7.41
CA VAL B 198 14.03 30.70 6.35
C VAL B 198 13.32 32.01 6.80
N TRP B 199 12.12 31.89 7.34
CA TRP B 199 11.44 33.05 7.92
C TRP B 199 12.22 33.68 9.10
N GLN B 200 12.85 32.83 9.92
CA GLN B 200 13.62 33.32 11.09
C GLN B 200 14.83 34.18 10.66
N SER B 201 15.36 33.89 9.49
CA SER B 201 16.51 34.65 8.98
C SER B 201 16.18 36.11 8.60
N VAL B 202 14.91 36.43 8.41
CA VAL B 202 14.49 37.80 8.20
C VAL B 202 13.65 38.32 9.38
N GLY B 203 13.79 37.66 10.52
CA GLY B 203 13.24 38.15 11.77
C GLY B 203 11.78 37.88 11.96
N VAL B 204 11.20 37.05 11.09
CA VAL B 204 9.81 36.68 11.26
C VAL B 204 9.78 35.38 12.07
N VAL B 205 9.39 35.51 13.34
CA VAL B 205 9.51 34.40 14.29
C VAL B 205 8.15 34.17 14.99
N PRO B 206 7.85 32.90 15.34
CA PRO B 206 6.57 32.65 15.98
C PRO B 206 6.50 33.25 17.39
N ASP B 207 5.35 33.84 17.71
CA ASP B 207 4.95 34.08 19.10
C ASP B 207 4.24 32.85 19.69
N ALA B 208 3.79 31.96 18.80
CA ALA B 208 3.22 30.68 19.19
C ALA B 208 3.27 29.77 17.96
N VAL B 209 3.06 28.48 18.18
CA VAL B 209 2.93 27.55 17.08
C VAL B 209 1.64 26.76 17.17
N VAL B 210 1.16 26.33 16.00
CA VAL B 210 0.01 25.46 15.89
C VAL B 210 0.32 24.41 14.82
N GLY B 211 0.03 23.15 15.13
CA GLY B 211 0.18 22.08 14.16
C GLY B 211 -1.15 21.40 13.86
N HIS B 212 -1.18 20.69 12.75
CA HIS B 212 -2.33 19.92 12.35
C HIS B 212 -1.91 18.48 12.22
N SER B 213 -2.46 17.62 13.06
CA SER B 213 -2.12 16.20 13.02
C SER B 213 -0.60 16.01 13.21
N GLN B 214 0.06 15.28 12.29
CA GLN B 214 1.51 15.08 12.34
C GLN B 214 2.27 16.42 12.42
N GLY B 215 1.66 17.47 11.89
CA GLY B 215 2.26 18.80 11.92
C GLY B 215 2.57 19.31 13.33
N GLU B 216 1.88 18.79 14.33
CA GLU B 216 2.19 19.15 15.71
C GLU B 216 3.59 18.67 16.10
N ILE B 217 4.09 17.66 15.42
CA ILE B 217 5.42 17.17 15.73
C ILE B 217 6.48 18.18 15.20
N ALA B 218 6.27 18.71 14.01
CA ALA B 218 7.13 19.80 13.53
C ALA B 218 6.98 21.08 14.39
N ALA B 219 5.75 21.38 14.80
CA ALA B 219 5.51 22.54 15.67
C ALA B 219 6.35 22.43 16.95
N ALA B 220 6.35 21.23 17.55
CA ALA B 220 7.02 20.96 18.81
C ALA B 220 8.54 21.09 18.63
N ALA B 221 9.02 20.63 17.49
CA ALA B 221 10.44 20.79 17.17
C ALA B 221 10.84 22.27 17.07
N VAL B 222 10.04 23.05 16.35
CA VAL B 222 10.29 24.49 16.17
C VAL B 222 10.15 25.26 17.48
N SER B 223 9.26 24.82 18.36
CA SER B 223 9.07 25.52 19.66
C SER B 223 10.07 25.09 20.68
N GLY B 224 10.76 23.99 20.40
CA GLY B 224 11.75 23.45 21.34
C GLY B 224 11.14 22.61 22.43
N ALA B 225 9.87 22.27 22.27
CA ALA B 225 9.19 21.43 23.24
C ALA B 225 9.73 19.99 23.19
N LEU B 226 10.09 19.54 22.00
CA LEU B 226 10.85 18.31 21.85
C LEU B 226 12.19 18.64 21.25
N SER B 227 13.22 17.91 21.65
CA SER B 227 14.48 17.92 20.90
C SER B 227 14.24 17.45 19.48
N LEU B 228 15.09 17.90 18.56
CA LEU B 228 15.06 17.41 17.19
C LEU B 228 15.05 15.89 17.13
N GLY B 229 15.86 15.27 17.97
CA GLY B 229 16.00 13.83 17.95
C GLY B 229 14.72 13.15 18.36
N ASP B 230 14.05 13.70 19.38
CA ASP B 230 12.84 13.11 19.88
C ASP B 230 11.70 13.31 18.89
N ALA B 231 11.58 14.52 18.36
CA ALA B 231 10.54 14.83 17.36
C ALA B 231 10.72 13.95 16.13
N ALA B 232 11.94 13.81 15.67
CA ALA B 232 12.21 12.97 14.52
C ALA B 232 11.86 11.52 14.79
N GLN B 233 12.23 11.01 15.97
CA GLN B 233 11.92 9.65 16.29
C GLN B 233 10.42 9.42 16.38
N VAL B 234 9.67 10.42 16.86
CA VAL B 234 8.22 10.30 16.92
C VAL B 234 7.57 10.17 15.53
N VAL B 235 7.94 11.05 14.60
CA VAL B 235 7.33 11.01 13.30
C VAL B 235 7.78 9.76 12.50
N VAL B 236 9.02 9.33 12.70
CA VAL B 236 9.47 8.10 12.05
C VAL B 236 8.66 6.90 12.57
N LEU B 237 8.66 6.69 13.88
CA LEU B 237 8.10 5.47 14.44
C LEU B 237 6.59 5.41 14.25
N ARG B 238 5.90 6.53 14.42
CA ARG B 238 4.48 6.53 14.28
C ARG B 238 4.07 6.32 12.83
N SER B 239 4.78 6.91 11.89
CA SER B 239 4.40 6.70 10.49
C SER B 239 4.70 5.28 10.04
N GLN B 240 5.75 4.69 10.61
CA GLN B 240 6.10 3.32 10.29
C GLN B 240 5.03 2.38 10.87
N LEU B 241 4.55 2.68 12.07
CA LEU B 241 3.47 1.88 12.63
C LEU B 241 2.23 1.94 11.71
N PHE B 242 1.92 3.12 11.22
CA PHE B 242 0.78 3.29 10.37
C PHE B 242 0.96 2.52 9.07
N ALA B 243 2.17 2.56 8.51
CA ALA B 243 2.50 1.81 7.30
C ALA B 243 2.22 0.30 7.55
N ASP B 244 2.58 -0.17 8.72
CA ASP B 244 2.51 -1.59 9.03
C ASP B 244 1.07 -2.08 9.30
N GLU B 245 0.18 -1.18 9.76
CA GLU B 245 -1.08 -1.59 10.35
C GLU B 245 -2.32 -0.97 9.69
N LEU B 246 -2.20 0.24 9.13
CA LEU B 246 -3.39 0.99 8.70
C LEU B 246 -3.50 1.16 7.19
N VAL B 247 -2.38 1.09 6.50
CA VAL B 247 -2.38 1.28 5.07
C VAL B 247 -3.25 0.21 4.42
N GLY B 248 -4.17 0.65 3.57
CA GLY B 248 -5.12 -0.27 2.92
C GLY B 248 -6.46 -0.39 3.63
N LYS B 249 -6.54 0.13 4.85
CA LYS B 249 -7.74 -0.05 5.66
C LYS B 249 -8.57 1.21 5.72
N GLY B 250 -7.98 2.31 5.25
CA GLY B 250 -8.61 3.59 5.33
C GLY B 250 -7.74 4.69 4.79
N ALA B 251 -8.31 5.89 4.78
CA ALA B 251 -7.60 7.08 4.40
C ALA B 251 -8.37 8.28 4.92
N VAL B 252 -7.91 9.48 4.56
CA VAL B 252 -8.63 10.72 4.88
C VAL B 252 -8.91 11.50 3.60
N ALA B 253 -10.05 12.19 3.57
CA ALA B 253 -10.42 13.04 2.43
C ALA B 253 -10.63 14.46 2.90
N SER B 254 -10.30 15.39 2.04
CA SER B 254 -10.62 16.76 2.26
C SER B 254 -12.01 17.04 1.63
N VAL B 255 -12.87 17.76 2.35
CA VAL B 255 -14.20 18.13 1.85
C VAL B 255 -14.48 19.61 2.12
N SER B 256 -14.82 20.37 1.06
CA SER B 256 -15.07 21.79 1.19
C SER B 256 -16.54 22.06 1.48
N LEU B 257 -16.97 21.57 2.62
CA LEU B 257 -18.30 21.83 3.14
C LEU B 257 -18.18 22.06 4.66
N PRO B 258 -19.16 22.73 5.28
CA PRO B 258 -19.16 22.82 6.75
C PRO B 258 -19.35 21.46 7.43
N ALA B 259 -18.80 21.33 8.63
CA ALA B 259 -18.93 20.10 9.41
C ALA B 259 -20.35 19.57 9.45
N ALA B 260 -21.32 20.42 9.79
CA ALA B 260 -22.72 19.95 9.94
C ALA B 260 -23.22 19.26 8.67
N GLU B 261 -22.93 19.84 7.53
CA GLU B 261 -23.38 19.31 6.29
C GLU B 261 -22.71 17.97 5.99
N VAL B 262 -21.42 17.87 6.30
CA VAL B 262 -20.76 16.60 6.10
C VAL B 262 -21.33 15.52 7.02
N GLU B 263 -21.59 15.87 8.29
CA GLU B 263 -22.19 14.92 9.26
C GLU B 263 -23.49 14.35 8.69
N ALA B 264 -24.28 15.22 8.06
CA ALA B 264 -25.55 14.80 7.42
C ALA B 264 -25.29 13.76 6.36
N ARG B 265 -24.22 13.96 5.55
CA ARG B 265 -23.90 13.08 4.43
C ARG B 265 -23.30 11.75 4.83
N ILE B 266 -22.59 11.70 5.95
CA ILE B 266 -21.90 10.44 6.33
C ILE B 266 -22.75 9.50 7.21
N ALA B 267 -23.83 10.02 7.76
CA ALA B 267 -24.72 9.22 8.62
C ALA B 267 -25.11 7.88 7.99
N ARG B 268 -25.45 7.91 6.70
CA ARG B 268 -25.94 6.72 6.02
C ARG B 268 -24.96 5.57 5.97
N PHE B 269 -23.67 5.86 6.25
CA PHE B 269 -22.62 4.85 6.26
C PHE B 269 -22.42 4.20 7.63
N ASN B 270 -22.93 4.85 8.67
CA ASN B 270 -22.57 4.57 10.03
C ASN B 270 -23.73 4.00 10.86
N GLY B 271 -24.58 3.22 10.21
CA GLY B 271 -25.75 2.65 10.91
C GLY B 271 -25.41 1.52 11.87
N ASP B 272 -24.28 0.86 11.62
CA ASP B 272 -23.89 -0.33 12.36
C ASP B 272 -22.64 -0.07 13.18
N ALA B 273 -21.74 0.70 12.61
CA ALA B 273 -20.42 0.91 13.21
C ALA B 273 -19.85 2.15 12.57
N GLU B 274 -18.84 2.73 13.19
CA GLU B 274 -18.19 3.91 12.61
C GLU B 274 -17.44 3.46 11.38
N VAL B 275 -17.93 3.85 10.23
CA VAL B 275 -17.24 3.62 8.95
C VAL B 275 -16.54 4.89 8.48
N LEU B 276 -17.24 6.03 8.60
CA LEU B 276 -16.64 7.35 8.33
C LEU B 276 -16.87 8.27 9.50
N SER B 277 -15.94 9.20 9.70
CA SER B 277 -16.13 10.20 10.71
C SER B 277 -15.33 11.44 10.38
N ILE B 278 -15.75 12.57 10.93
CA ILE B 278 -15.03 13.79 10.76
C ILE B 278 -13.69 13.76 11.52
N ALA B 279 -12.61 13.97 10.77
CA ALA B 279 -11.23 13.81 11.31
C ALA B 279 -10.64 15.16 11.58
N GLY B 280 -11.26 16.20 11.09
CA GLY B 280 -10.64 17.49 11.10
C GLY B 280 -11.61 18.59 10.77
N ASN B 281 -11.62 19.59 11.63
CA ASN B 281 -12.33 20.79 11.36
C ASN B 281 -11.37 21.91 11.06
N ASN B 282 -11.30 22.33 9.79
CA ASN B 282 -10.21 23.22 9.33
C ASN B 282 -10.66 24.66 9.08
N GLY B 283 -11.91 24.82 8.68
CA GLY B 283 -12.43 26.13 8.36
C GLY B 283 -13.93 26.05 8.37
N PRO B 284 -14.60 27.21 8.33
CA PRO B 284 -16.03 27.17 8.47
C PRO B 284 -16.67 26.38 7.34
N ARG B 285 -15.93 26.21 6.26
CA ARG B 285 -16.41 25.39 5.11
C ARG B 285 -15.32 24.44 4.62
N SER B 286 -14.57 23.90 5.56
CA SER B 286 -13.47 23.02 5.21
C SER B 286 -13.27 21.96 6.30
N VAL B 287 -13.42 20.69 5.95
CA VAL B 287 -13.26 19.61 6.91
C VAL B 287 -12.55 18.47 6.29
N THR B 288 -12.11 17.56 7.14
CA THR B 288 -11.52 16.34 6.70
C THR B 288 -12.36 15.14 7.25
N VAL B 289 -12.40 14.05 6.50
CA VAL B 289 -13.18 12.87 6.87
C VAL B 289 -12.29 11.63 6.78
N ALA B 290 -12.29 10.80 7.82
CA ALA B 290 -11.49 9.59 7.84
C ALA B 290 -12.35 8.39 7.77
N GLY B 291 -11.83 7.34 7.15
CA GLY B 291 -12.41 6.02 7.28
C GLY B 291 -12.06 5.07 6.16
N GLN B 292 -12.90 4.06 6.03
CA GLN B 292 -12.69 3.01 5.07
C GLN B 292 -12.63 3.58 3.67
N VAL B 293 -11.77 3.00 2.85
CA VAL B 293 -11.42 3.64 1.59
C VAL B 293 -12.59 3.58 0.61
N ALA B 294 -13.28 2.44 0.56
CA ALA B 294 -14.41 2.32 -0.38
C ALA B 294 -15.51 3.32 -0.06
N ALA B 295 -15.88 3.41 1.20
CA ALA B 295 -16.89 4.32 1.63
C ALA B 295 -16.45 5.75 1.38
N LEU B 296 -15.18 6.03 1.67
CA LEU B 296 -14.64 7.34 1.47
C LEU B 296 -14.68 7.76 0.00
N GLU B 297 -14.33 6.85 -0.89
CA GLU B 297 -14.36 7.16 -2.34
C GLU B 297 -15.80 7.36 -2.82
N GLU B 298 -16.72 6.59 -2.24
CA GLU B 298 -18.12 6.73 -2.58
C GLU B 298 -18.67 8.09 -2.15
N LEU B 299 -18.38 8.50 -0.91
CA LEU B 299 -18.67 9.83 -0.47
C LEU B 299 -18.04 10.91 -1.41
N VAL B 300 -16.74 10.79 -1.68
CA VAL B 300 -16.08 11.79 -2.52
C VAL B 300 -16.74 11.92 -3.92
N ALA B 301 -17.07 10.79 -4.53
CA ALA B 301 -17.76 10.78 -5.84
C ALA B 301 -19.12 11.47 -5.76
N GLU B 302 -19.88 11.15 -4.72
CA GLU B 302 -21.20 11.77 -4.48
C GLU B 302 -21.10 13.30 -4.37
N LEU B 303 -20.15 13.77 -3.56
CA LEU B 303 -19.93 15.21 -3.37
C LEU B 303 -19.46 15.92 -4.67
N GLU B 304 -18.55 15.32 -5.42
CA GLU B 304 -18.11 15.93 -6.68
C GLU B 304 -19.27 16.01 -7.66
N ALA B 305 -20.06 14.96 -7.70
CA ALA B 305 -21.23 14.91 -8.58
C ALA B 305 -22.22 16.05 -8.28
N GLU B 306 -22.17 16.60 -7.08
CA GLU B 306 -23.00 17.75 -6.74
C GLU B 306 -22.21 19.03 -6.75
N GLY B 307 -20.98 18.98 -7.23
CA GLY B 307 -20.21 20.20 -7.44
C GLY B 307 -19.38 20.68 -6.26
N VAL B 308 -19.22 19.84 -5.25
CA VAL B 308 -18.42 20.19 -4.08
C VAL B 308 -16.96 19.77 -4.32
N ARG B 309 -16.01 20.55 -3.81
CA ARG B 309 -14.59 20.17 -3.83
C ARG B 309 -14.34 19.10 -2.79
N ALA B 310 -13.95 17.91 -3.24
CA ALA B 310 -13.61 16.84 -2.34
C ALA B 310 -12.54 15.98 -2.96
N LYS B 311 -11.61 15.49 -2.14
CA LYS B 311 -10.70 14.44 -2.60
C LYS B 311 -10.02 13.69 -1.48
N VAL B 312 -9.61 12.48 -1.80
CA VAL B 312 -8.73 11.69 -0.92
C VAL B 312 -7.30 12.26 -0.87
N ILE B 313 -6.80 12.55 0.34
CA ILE B 313 -5.45 13.06 0.52
C ILE B 313 -4.45 11.91 0.32
N GLY B 314 -3.55 12.08 -0.64
CA GLY B 314 -2.69 10.95 -1.07
C GLY B 314 -1.89 10.42 0.12
N SER B 315 -1.74 9.11 0.19
CA SER B 315 -0.82 8.46 1.14
C SER B 315 -1.26 8.59 2.60
N THR B 316 -2.53 8.90 2.83
CA THR B 316 -3.04 8.95 4.18
C THR B 316 -3.56 7.60 4.62
N VAL B 317 -3.65 7.42 5.93
CA VAL B 317 -4.46 6.36 6.49
C VAL B 317 -5.59 6.98 7.30
N ALA B 318 -6.46 6.15 7.86
CA ALA B 318 -7.57 6.64 8.64
C ALA B 318 -7.13 6.82 10.09
N SER B 319 -6.22 7.76 10.30
CA SER B 319 -6.01 8.35 11.59
C SER B 319 -7.21 9.24 11.97
N HIS B 320 -7.24 9.67 13.23
CA HIS B 320 -8.27 10.60 13.71
C HIS B 320 -9.67 9.98 13.67
N CYS B 321 -9.73 8.67 13.91
CA CYS B 321 -10.99 7.97 14.13
C CYS B 321 -10.72 6.69 14.91
N ALA B 322 -11.73 5.83 15.05
CA ALA B 322 -11.61 4.65 15.91
C ALA B 322 -10.67 3.59 15.34
N GLN B 323 -10.24 3.73 14.08
CA GLN B 323 -9.27 2.80 13.54
C GLN B 323 -7.97 2.80 14.31
N VAL B 324 -7.72 3.90 15.02
CA VAL B 324 -6.48 4.07 15.76
C VAL B 324 -6.54 3.38 17.13
N ASP B 325 -7.74 3.11 17.63
CA ASP B 325 -7.89 2.58 19.01
C ASP B 325 -7.13 1.27 19.27
N PRO B 326 -7.12 0.35 18.30
CA PRO B 326 -6.37 -0.91 18.43
C PRO B 326 -4.91 -0.74 18.56
N LEU B 327 -4.41 0.44 18.19
CA LEU B 327 -2.97 0.72 18.22
C LEU B 327 -2.52 1.38 19.55
N HIS B 328 -3.47 1.65 20.41
CA HIS B 328 -3.25 2.49 21.57
C HIS B 328 -2.03 1.96 22.39
N GLU B 329 -2.02 0.67 22.73
CA GLU B 329 -0.92 0.13 23.55
C GLU B 329 0.40 0.22 22.83
N ARG B 330 0.41 -0.12 21.55
CA ARG B 330 1.62 -0.06 20.78
C ARG B 330 2.20 1.34 20.71
N ILE B 331 1.34 2.34 20.52
CA ILE B 331 1.81 3.73 20.43
C ILE B 331 2.44 4.20 21.76
N LEU B 332 1.83 3.83 22.89
CA LEU B 332 2.42 4.21 24.19
C LEU B 332 3.78 3.58 24.37
N ASP B 333 3.92 2.33 23.94
CA ASP B 333 5.16 1.62 24.04
C ASP B 333 6.21 2.27 23.15
N LEU B 334 5.84 2.51 21.90
CA LEU B 334 6.77 3.02 20.90
C LEU B 334 7.30 4.39 21.28
N LEU B 335 6.46 5.19 21.91
CA LEU B 335 6.76 6.62 22.11
C LEU B 335 7.11 6.93 23.57
N SER B 336 7.36 5.90 24.39
CA SER B 336 7.63 6.12 25.82
C SER B 336 8.97 6.78 26.08
N PHE B 337 9.81 6.86 25.04
CA PHE B 337 11.12 7.49 25.19
C PHE B 337 11.07 9.02 25.28
N VAL B 338 9.97 9.62 24.84
CA VAL B 338 10.01 11.07 24.66
C VAL B 338 10.26 11.82 25.96
N GLU B 339 11.07 12.87 25.86
CA GLU B 339 11.36 13.77 26.97
C GLU B 339 10.93 15.18 26.64
N PRO B 340 9.63 15.43 26.64
CA PRO B 340 9.13 16.79 26.39
C PRO B 340 9.51 17.80 27.47
N ARG B 341 9.61 19.08 27.07
CA ARG B 341 9.97 20.13 28.00
C ARG B 341 9.32 21.44 27.63
N GLU B 342 9.31 22.38 28.58
CA GLU B 342 8.76 23.71 28.29
C GLU B 342 9.60 24.40 27.23
N GLY B 343 8.96 24.81 26.14
CA GLY B 343 9.68 25.32 24.97
C GLY B 343 9.88 26.82 24.97
N SER B 344 10.23 27.37 23.81
CA SER B 344 10.58 28.79 23.68
C SER B 344 9.35 29.63 23.43
N VAL B 345 8.28 28.98 23.00
CA VAL B 345 7.09 29.62 22.58
C VAL B 345 5.93 28.62 22.82
N PRO B 346 4.75 29.08 23.21
CA PRO B 346 3.71 28.10 23.54
C PRO B 346 3.15 27.40 22.31
N LEU B 347 2.57 26.23 22.51
CA LEU B 347 1.94 25.47 21.44
C LEU B 347 0.44 25.43 21.70
N TYR B 348 -0.34 25.89 20.73
CA TYR B 348 -1.79 25.87 20.86
C TYR B 348 -2.33 24.57 20.31
N SER B 349 -2.66 23.64 21.19
CA SER B 349 -2.98 22.29 20.80
C SER B 349 -4.26 22.23 19.94
N THR B 350 -4.22 21.40 18.88
CA THR B 350 -5.40 21.15 18.07
C THR B 350 -6.02 19.81 18.43
N VAL B 351 -5.57 19.28 19.56
CA VAL B 351 -6.06 18.03 20.09
C VAL B 351 -7.07 18.30 21.24
N ASN B 352 -6.71 19.20 22.14
CA ASN B 352 -7.55 19.47 23.33
C ASN B 352 -7.89 20.93 23.59
N GLY B 353 -7.44 21.81 22.71
CA GLY B 353 -7.81 23.23 22.78
C GLY B 353 -7.15 23.99 23.92
N GLU B 354 -6.13 23.37 24.53
CA GLU B 354 -5.32 24.00 25.59
C GLU B 354 -4.12 24.77 25.05
N VAL B 355 -3.65 25.74 25.85
CA VAL B 355 -2.37 26.37 25.63
C VAL B 355 -1.30 25.58 26.36
N LEU B 356 -0.33 25.06 25.63
CA LEU B 356 0.65 24.13 26.19
C LEU B 356 2.02 24.78 26.27
N SER B 357 2.77 24.46 27.32
CA SER B 357 4.15 24.90 27.41
C SER B 357 5.03 24.07 26.46
N GLY B 358 4.66 22.82 26.32
CA GLY B 358 5.49 21.80 25.67
C GLY B 358 5.76 20.58 26.53
N ALA B 359 5.84 20.80 27.83
CA ALA B 359 6.23 19.76 28.75
C ALA B 359 5.18 18.63 28.79
N GLU B 360 4.03 18.89 28.18
CA GLU B 360 2.86 17.98 28.25
C GLU B 360 2.85 16.96 27.08
N LEU B 361 3.82 17.09 26.17
CA LEU B 361 3.80 16.34 24.89
C LEU B 361 4.45 14.96 25.05
N ASP B 362 3.85 14.17 25.93
CA ASP B 362 4.34 12.84 26.25
C ASP B 362 3.64 11.77 25.39
N ALA B 363 3.98 10.51 25.60
CA ALA B 363 3.43 9.45 24.71
C ALA B 363 1.93 9.48 24.67
N SER B 364 1.29 9.74 25.82
CA SER B 364 -0.17 9.77 25.85
C SER B 364 -0.70 10.90 24.98
N TYR B 365 0.00 12.03 24.98
CA TYR B 365 -0.38 13.15 24.10
C TYR B 365 -0.32 12.72 22.64
N TRP B 366 0.78 12.06 22.24
CA TRP B 366 0.96 11.72 20.84
C TRP B 366 -0.03 10.65 20.38
N PHE B 367 -0.54 9.85 21.31
CA PHE B 367 -1.71 9.01 21.01
C PHE B 367 -2.95 9.84 20.75
N GLU B 368 -3.28 10.76 21.67
CA GLU B 368 -4.43 11.62 21.49
C GLU B 368 -4.32 12.42 20.19
N ASN B 369 -3.12 12.84 19.85
CA ASN B 369 -2.90 13.61 18.62
C ASN B 369 -3.32 12.86 17.37
N CYS B 370 -3.05 11.56 17.32
CA CYS B 370 -3.46 10.84 16.14
C CYS B 370 -4.83 10.18 16.25
N ARG B 371 -5.38 10.07 17.47
CA ARG B 371 -6.72 9.48 17.68
C ARG B 371 -7.85 10.52 17.56
N ARG B 372 -7.66 11.69 18.19
CA ARG B 372 -8.72 12.69 18.23
C ARG B 372 -8.82 13.43 16.90
N PRO B 373 -10.03 13.82 16.52
CA PRO B 373 -10.18 14.77 15.40
C PRO B 373 -9.40 16.06 15.62
N VAL B 374 -8.92 16.65 14.54
CA VAL B 374 -8.16 17.87 14.64
C VAL B 374 -9.08 19.09 14.74
N SER B 375 -9.02 19.78 15.88
CA SER B 375 -9.80 20.98 16.09
C SER B 375 -8.98 22.16 15.72
N PHE B 376 -8.89 22.42 14.44
CA PHE B 376 -8.03 23.47 13.95
C PHE B 376 -8.78 24.78 13.87
N GLU B 377 -9.99 24.77 13.31
CA GLU B 377 -10.78 26.01 13.18
C GLU B 377 -11.06 26.72 14.54
N PRO B 378 -11.39 25.93 15.58
CA PRO B 378 -11.66 26.57 16.87
C PRO B 378 -10.41 27.20 17.50
N VAL B 379 -9.24 26.63 17.17
CA VAL B 379 -7.97 27.18 17.67
C VAL B 379 -7.58 28.44 16.92
N VAL B 380 -7.84 28.44 15.60
CA VAL B 380 -7.68 29.65 14.82
C VAL B 380 -8.55 30.82 15.34
N ARG B 381 -9.80 30.52 15.65
CA ARG B 381 -10.74 31.53 16.20
C ARG B 381 -10.25 32.08 17.48
N ALA B 382 -9.75 31.22 18.34
CA ALA B 382 -9.27 31.59 19.66
C ALA B 382 -7.98 32.42 19.55
N LEU B 383 -7.14 32.07 18.59
CA LEU B 383 -5.94 32.88 18.31
C LEU B 383 -6.28 34.26 17.80
N ILE B 384 -7.27 34.36 16.91
CA ILE B 384 -7.65 35.64 16.36
C ILE B 384 -8.22 36.52 17.48
N ALA B 385 -9.02 35.91 18.35
CA ALA B 385 -9.57 36.64 19.52
C ALA B 385 -8.46 37.02 20.53
N ASP B 386 -7.41 36.21 20.61
CA ASP B 386 -6.22 36.47 21.47
C ASP B 386 -5.26 37.56 20.84
N GLY B 387 -5.58 38.05 19.65
CA GLY B 387 -4.80 39.14 19.02
C GLY B 387 -3.63 38.68 18.14
N PHE B 388 -3.72 37.45 17.64
CA PHE B 388 -2.85 37.01 16.55
C PHE B 388 -3.50 37.36 15.21
N ASP B 389 -2.78 38.06 14.36
CA ASP B 389 -3.30 38.32 13.03
C ASP B 389 -2.29 38.07 11.92
N VAL B 390 -1.23 37.32 12.20
CA VAL B 390 -0.31 36.90 11.18
C VAL B 390 -0.08 35.41 11.31
N PHE B 391 -0.49 34.65 10.31
CA PHE B 391 -0.38 33.22 10.32
C PHE B 391 0.54 32.80 9.23
N VAL B 392 1.71 32.29 9.59
CA VAL B 392 2.67 31.85 8.57
C VAL B 392 2.65 30.33 8.47
N GLU B 393 2.30 29.80 7.30
CA GLU B 393 2.30 28.38 7.07
C GLU B 393 3.62 27.92 6.55
N SER B 394 4.33 27.16 7.37
CA SER B 394 5.71 26.82 7.13
C SER B 394 5.76 25.52 6.28
N SER B 395 5.25 25.60 5.05
CA SER B 395 4.98 24.42 4.28
C SER B 395 5.40 24.56 2.81
N ALA B 396 5.45 23.43 2.13
CA ALA B 396 5.87 23.39 0.69
C ALA B 396 4.75 23.81 -0.27
N HIS B 397 3.52 23.84 0.23
CA HIS B 397 2.36 24.26 -0.56
C HIS B 397 1.21 24.54 0.39
N PRO B 398 0.52 25.68 0.22
CA PRO B 398 -0.41 26.17 1.25
C PRO B 398 -1.65 25.28 1.34
N VAL B 399 -1.91 24.72 2.50
CA VAL B 399 -3.05 23.84 2.64
C VAL B 399 -4.06 24.36 3.64
N LEU B 400 -3.62 25.20 4.57
CA LEU B 400 -4.52 25.65 5.64
C LEU B 400 -4.82 27.13 5.57
N THR B 401 -4.13 27.84 4.71
CA THR B 401 -4.25 29.29 4.68
C THR B 401 -5.63 29.73 4.21
N TYR B 402 -6.19 29.03 3.24
CA TYR B 402 -7.50 29.41 2.71
C TYR B 402 -8.58 29.29 3.79
N GLY B 403 -8.49 28.24 4.57
CA GLY B 403 -9.38 28.04 5.70
C GLY B 403 -9.20 29.06 6.82
N ILE B 404 -7.96 29.43 7.08
CA ILE B 404 -7.70 30.50 8.05
C ILE B 404 -8.38 31.80 7.60
N SER B 405 -8.24 32.13 6.33
CA SER B 405 -8.82 33.38 5.83
C SER B 405 -10.33 33.35 5.92
N GLU B 406 -10.91 32.19 5.66
CA GLU B 406 -12.36 32.03 5.72
C GLU B 406 -12.85 32.19 7.13
N THR B 407 -12.09 31.65 8.08
CA THR B 407 -12.41 31.79 9.48
C THR B 407 -12.38 33.24 9.87
N SER B 408 -11.34 33.94 9.46
CA SER B 408 -11.18 35.32 9.83
C SER B 408 -12.32 36.19 9.25
N ASP B 409 -12.78 35.84 8.05
CA ASP B 409 -13.95 36.54 7.44
C ASP B 409 -15.20 36.33 8.31
N ASP B 410 -15.38 35.12 8.80
CA ASP B 410 -16.59 34.78 9.55
C ASP B 410 -16.63 35.41 10.94
N VAL B 411 -15.49 35.58 11.57
CA VAL B 411 -15.38 36.57 12.60
C VAL B 411 -15.12 37.87 11.85
N GLY B 412 -15.06 38.97 12.52
CA GLY B 412 -15.01 40.23 11.78
C GLY B 412 -13.62 40.81 11.65
N VAL B 413 -12.61 39.98 11.36
CA VAL B 413 -11.20 40.39 11.65
C VAL B 413 -10.26 40.09 10.51
N GLU B 414 -9.57 41.11 10.02
CA GLU B 414 -8.61 40.94 8.93
C GLU B 414 -7.31 40.33 9.46
N VAL B 415 -6.84 39.26 8.80
CA VAL B 415 -5.56 38.62 9.17
C VAL B 415 -4.80 38.33 7.91
N LEU B 416 -3.50 38.10 8.06
CA LEU B 416 -2.66 37.64 6.97
C LEU B 416 -2.44 36.16 7.12
N ALA B 417 -2.82 35.41 6.11
CA ALA B 417 -2.61 33.95 6.08
C ALA B 417 -1.65 33.63 4.96
N GLN B 418 -0.39 33.44 5.33
CA GLN B 418 0.73 33.50 4.39
C GLN B 418 1.40 32.13 4.26
N GLY B 419 1.48 31.63 3.03
CA GLY B 419 2.25 30.43 2.77
C GLY B 419 3.74 30.69 2.50
N THR B 420 4.50 29.61 2.36
CA THR B 420 5.94 29.70 2.13
C THR B 420 6.28 29.34 0.69
N LEU B 421 6.38 28.05 0.38
CA LEU B 421 6.49 27.62 -1.01
C LEU B 421 5.16 27.22 -1.63
N ARG B 422 5.17 26.95 -2.92
CA ARG B 422 4.00 26.43 -3.62
C ARG B 422 4.47 25.36 -4.58
N ARG B 423 3.54 24.52 -5.04
CA ARG B 423 3.83 23.53 -6.05
C ARG B 423 4.60 24.14 -7.20
N GLN B 424 5.73 23.54 -7.52
CA GLN B 424 6.63 23.97 -8.60
C GLN B 424 7.18 25.39 -8.43
N GLU B 425 7.10 25.92 -7.21
CA GLU B 425 7.70 27.21 -6.92
C GLU B 425 8.56 27.08 -5.67
N GLY B 426 9.84 26.77 -5.86
CA GLY B 426 10.70 26.27 -4.75
C GLY B 426 11.97 27.02 -4.47
N GLY B 427 12.17 28.17 -5.15
CA GLY B 427 13.46 28.82 -5.16
C GLY B 427 13.42 30.24 -4.58
N PRO B 428 14.44 31.03 -4.88
CA PRO B 428 14.52 32.34 -4.28
C PRO B 428 13.35 33.24 -4.66
N ARG B 429 12.85 33.12 -5.88
CA ARG B 429 11.71 33.94 -6.28
C ARG B 429 10.47 33.65 -5.42
N ARG B 430 10.18 32.38 -5.14
CA ARG B 430 9.04 32.05 -4.29
C ARG B 430 9.22 32.56 -2.87
N VAL B 431 10.46 32.46 -2.37
CA VAL B 431 10.74 32.89 -1.00
C VAL B 431 10.62 34.43 -0.88
N LEU B 432 11.21 35.13 -1.82
CA LEU B 432 11.12 36.58 -1.82
C LEU B 432 9.70 37.06 -2.07
N THR B 433 8.95 36.30 -2.87
CA THR B 433 7.56 36.65 -3.14
C THR B 433 6.66 36.51 -1.89
N SER B 434 6.90 35.46 -1.12
CA SER B 434 6.20 35.29 0.14
C SER B 434 6.60 36.33 1.16
N PHE B 435 7.91 36.60 1.27
CA PHE B 435 8.41 37.71 2.07
C PHE B 435 7.69 39.01 1.67
N ALA B 436 7.61 39.27 0.39
CA ALA B 436 6.95 40.49 -0.07
C ALA B 436 5.44 40.55 0.25
N GLU B 437 4.75 39.41 0.12
CA GLU B 437 3.36 39.33 0.43
C GLU B 437 3.10 39.65 1.87
N ALA B 438 4.02 39.21 2.71
CA ALA B 438 3.94 39.51 4.13
C ALA B 438 4.24 40.98 4.39
N TRP B 439 5.34 41.47 3.84
CA TRP B 439 5.79 42.81 4.16
C TRP B 439 4.82 43.86 3.64
N THR B 440 4.28 43.66 2.44
CA THR B 440 3.38 44.66 1.87
C THR B 440 2.09 44.79 2.70
N ARG B 441 1.78 43.75 3.47
CA ARG B 441 0.59 43.73 4.31
C ARG B 441 0.85 44.20 5.74
N GLY B 442 2.09 44.48 6.06
CA GLY B 442 2.44 45.09 7.33
C GLY B 442 3.29 44.24 8.26
N VAL B 443 3.76 43.09 7.80
CA VAL B 443 4.63 42.26 8.61
C VAL B 443 6.00 42.91 8.72
N ALA B 444 6.52 42.97 9.93
CA ALA B 444 7.85 43.50 10.15
C ALA B 444 8.85 42.44 9.69
N LEU B 445 9.65 42.79 8.70
CA LEU B 445 10.51 41.84 8.04
C LEU B 445 11.81 42.55 7.75
N ASP B 446 12.92 41.94 8.16
CA ASP B 446 14.23 42.58 8.03
C ASP B 446 14.85 42.32 6.64
N TRP B 447 14.53 43.20 5.69
CA TRP B 447 14.92 42.98 4.29
C TRP B 447 16.42 43.07 4.09
N THR B 448 17.08 43.85 4.93
CA THR B 448 18.54 43.99 4.83
C THR B 448 19.21 42.61 5.04
N ALA B 449 18.55 41.75 5.78
CA ALA B 449 19.03 40.34 5.93
C ALA B 449 19.07 39.52 4.62
N VAL B 450 18.22 39.88 3.65
CA VAL B 450 18.21 39.18 2.36
C VAL B 450 19.52 39.35 1.58
N PHE B 451 20.23 40.44 1.88
CA PHE B 451 21.40 40.83 1.08
C PHE B 451 22.71 40.33 1.68
N ALA B 452 22.62 39.59 2.79
CA ALA B 452 23.82 39.05 3.44
C ALA B 452 24.64 38.18 2.48
N GLY B 453 25.94 38.47 2.43
CA GLY B 453 26.90 37.63 1.69
C GLY B 453 27.15 38.17 0.29
N ARG B 454 26.23 38.98 -0.19
CA ARG B 454 26.54 39.89 -1.25
C ARG B 454 27.48 40.92 -0.64
N GLY B 455 28.12 41.70 -1.48
CA GLY B 455 28.93 42.80 -0.99
C GLY B 455 28.17 44.10 -1.07
N ALA B 456 26.91 44.11 -0.64
CA ALA B 456 26.02 45.23 -0.93
C ALA B 456 26.48 46.46 -0.17
N LYS B 457 26.35 47.62 -0.79
CA LYS B 457 26.73 48.90 -0.16
C LYS B 457 25.68 49.95 -0.45
N ALA B 458 25.71 51.03 0.32
CA ALA B 458 24.72 52.08 0.19
C ALA B 458 24.97 52.97 -1.05
N VAL B 459 23.91 53.44 -1.70
CA VAL B 459 24.02 54.29 -2.90
C VAL B 459 22.88 55.37 -2.97
N ASP B 460 23.00 56.35 -3.86
CA ASP B 460 22.02 57.42 -4.00
C ASP B 460 20.65 57.01 -4.44
N LEU B 461 19.65 57.73 -3.98
CA LEU B 461 18.30 57.48 -4.42
C LEU B 461 17.58 58.81 -4.64
N PRO B 462 16.55 58.83 -5.48
CA PRO B 462 15.79 60.04 -5.74
C PRO B 462 15.33 60.83 -4.51
#